data_8P84
#
_entry.id   8P84
#
_cell.length_a   67.931
_cell.length_b   94.167
_cell.length_c   127.277
_cell.angle_alpha   90.00
_cell.angle_beta   90.00
_cell.angle_gamma   90.00
#
_symmetry.space_group_name_H-M   'P 21 21 21'
#
loop_
_entity.id
_entity.type
_entity.pdbx_description
1 polymer 'Monoamine oxidase'
2 non-polymer 'FLAVIN-ADENINE DINUCLEOTIDE'
3 non-polymer GLYCEROL
4 non-polymer 'MAGNESIUM ION'
5 water water
#
_entity_poly.entity_id   1
_entity_poly.type   'polypeptide(L)'
_entity_poly.pdbx_seq_one_letter_code
;MGSSHHHHHHGSGLVPRGSAGMPSEQVDVVVVGAGFAGLTAARAVHEAGRSVLVLEARDRVGGRTCTEEHHGTWIDLGGQ
WIGPGQDRVAALAAELGVETYPQPTEGDDVVLFGDGEPQRAPDVALAFSDEELTAYLELAGALEAIAEKVPLDAPWLAPE
AAAWDATTLREWVAGTGVPDRVAGLFEVAVQAVFAATSAQLSLLHAAHYVHSAGGWSKLTDTEGGAQQDRLVGGVQPLAE
RLAARLPDGALRLSTPVRGLAQDGDGVTVRTAGGEVRARRAIVAVPPTLAGRIDHDPPLPPQRDQLLQHMPQGSVVKFHV
IYDEPWWRAEGLSGTVLCPDEPIGVTFDGTPPAGTPGIVTGFFEGPAAVAAGARTREERRDVVVDVLARTLGERARDVRD
YIDRDWSAEPWTRGCYGAHLPPGAWTVYGPALRVPVGRVHWAGTETAERWTGYIDGAIESGQRAAAEVLAALGS
;
_entity_poly.pdbx_strand_id   A,B
#
# COMPACT_ATOMS: atom_id res chain seq x y z
N GLN A 26 21.42 15.56 24.74
CA GLN A 26 21.03 15.64 23.28
C GLN A 26 22.21 15.15 22.43
N VAL A 27 22.08 13.99 21.75
CA VAL A 27 23.12 13.51 20.79
C VAL A 27 22.89 14.26 19.49
N ASP A 28 23.89 14.36 18.64
CA ASP A 28 23.76 15.09 17.37
C ASP A 28 22.74 14.35 16.49
N VAL A 29 22.88 13.04 16.35
CA VAL A 29 22.05 12.29 15.36
C VAL A 29 21.54 11.01 16.01
N VAL A 30 20.26 10.76 15.78
CA VAL A 30 19.67 9.46 16.12
C VAL A 30 19.31 8.75 14.82
N VAL A 31 19.76 7.51 14.70
CA VAL A 31 19.45 6.67 13.54
C VAL A 31 18.48 5.60 14.00
N VAL A 32 17.40 5.46 13.26
CA VAL A 32 16.40 4.41 13.51
C VAL A 32 16.62 3.27 12.50
N GLY A 33 17.10 2.18 13.07
CA GLY A 33 17.33 0.95 12.32
C GLY A 33 18.81 0.69 12.09
N ALA A 34 19.24 -0.56 12.34
CA ALA A 34 20.63 -1.03 12.20
C ALA A 34 20.68 -2.10 11.14
N GLY A 35 20.05 -1.85 10.01
CA GLY A 35 20.39 -2.60 8.79
C GLY A 35 21.64 -1.98 8.17
N PHE A 36 22.00 -2.34 6.95
CA PHE A 36 23.20 -1.72 6.31
C PHE A 36 22.99 -0.22 6.12
N ALA A 37 21.78 0.23 5.85
CA ALA A 37 21.59 1.66 5.62
C ALA A 37 21.82 2.42 6.92
N GLY A 38 21.15 2.05 8.02
CA GLY A 38 21.33 2.80 9.28
C GLY A 38 22.76 2.69 9.79
N LEU A 39 23.39 1.52 9.71
CA LEU A 39 24.76 1.33 10.22
C LEU A 39 25.70 2.16 9.36
N THR A 40 25.52 2.21 8.05
CA THR A 40 26.40 3.03 7.18
C THR A 40 26.24 4.49 7.58
N ALA A 41 25.03 4.95 7.75
CA ALA A 41 24.76 6.36 8.10
C ALA A 41 25.45 6.65 9.44
N ALA A 42 25.25 5.80 10.41
CA ALA A 42 25.78 6.02 11.76
C ALA A 42 27.29 6.09 11.71
N ARG A 43 27.90 5.19 10.99
CA ARG A 43 29.39 5.15 10.93
C ARG A 43 29.86 6.42 10.28
N ALA A 44 29.18 6.89 9.25
CA ALA A 44 29.63 8.11 8.54
C ALA A 44 29.50 9.30 9.48
N VAL A 45 28.42 9.36 10.24
CA VAL A 45 28.20 10.49 11.19
C VAL A 45 29.32 10.45 12.24
N HIS A 46 29.63 9.28 12.76
CA HIS A 46 30.65 9.11 13.83
C HIS A 46 32.02 9.52 13.27
N GLU A 47 32.34 9.11 12.06
CA GLU A 47 33.67 9.40 11.45
C GLU A 47 33.82 10.89 11.22
N ALA A 48 32.73 11.60 10.99
CA ALA A 48 32.76 13.06 10.84
C ALA A 48 32.94 13.74 12.20
N GLY A 49 32.82 13.04 13.31
CA GLY A 49 33.07 13.56 14.66
C GLY A 49 31.81 13.91 15.44
N ARG A 50 30.62 13.64 14.88
CA ARG A 50 29.36 13.92 15.54
C ARG A 50 28.95 12.74 16.43
N SER A 51 28.21 12.99 17.51
CA SER A 51 27.65 11.97 18.39
C SER A 51 26.44 11.30 17.72
N VAL A 52 26.31 9.99 17.93
CA VAL A 52 25.23 9.22 17.26
C VAL A 52 24.72 8.12 18.19
N LEU A 53 23.42 7.89 18.14
CA LEU A 53 22.78 6.72 18.76
C LEU A 53 22.03 6.00 17.66
N VAL A 54 22.13 4.67 17.64
CA VAL A 54 21.37 3.80 16.71
C VAL A 54 20.37 2.99 17.49
N LEU A 55 19.09 3.18 17.20
CA LEU A 55 18.03 2.41 17.88
C LEU A 55 17.51 1.34 16.94
N GLU A 56 17.65 0.09 17.37
CA GLU A 56 17.30 -1.07 16.56
C GLU A 56 16.27 -1.90 17.34
N ALA A 57 15.19 -2.24 16.64
CA ALA A 57 14.07 -3.00 17.25
C ALA A 57 14.46 -4.43 17.64
N ARG A 58 15.27 -5.09 16.81
CA ARG A 58 15.64 -6.49 17.00
C ARG A 58 16.75 -6.62 18.04
N ASP A 59 17.02 -7.86 18.43
CA ASP A 59 18.15 -8.20 19.31
C ASP A 59 19.45 -8.40 18.54
N ARG A 60 19.54 -7.89 17.34
CA ARG A 60 20.70 -8.08 16.45
C ARG A 60 20.68 -6.93 15.44
N VAL A 61 21.79 -6.70 14.80
CA VAL A 61 21.88 -5.85 13.60
C VAL A 61 21.73 -6.69 12.34
N GLY A 62 21.60 -6.02 11.20
CA GLY A 62 21.63 -6.68 9.88
C GLY A 62 20.30 -6.58 9.18
N GLY A 63 19.18 -6.54 9.92
CA GLY A 63 17.85 -6.29 9.27
C GLY A 63 17.45 -7.41 8.32
N ARG A 64 17.28 -7.04 7.04
CA ARG A 64 16.94 -7.98 5.98
C ARG A 64 18.12 -8.87 5.62
N THR A 65 19.26 -8.70 6.25
CA THR A 65 20.31 -9.74 6.25
C THR A 65 20.34 -10.37 7.64
N CYS A 66 20.47 -11.70 7.66
CA CYS A 66 20.29 -12.49 8.87
C CYS A 66 20.99 -13.80 8.65
N THR A 67 21.95 -14.11 9.52
CA THR A 67 22.71 -15.34 9.39
C THR A 67 22.65 -16.13 10.69
N GLU A 68 22.39 -17.43 10.59
CA GLU A 68 22.38 -18.33 11.76
C GLU A 68 23.31 -19.49 11.45
N GLU A 69 23.92 -20.02 12.51
CA GLU A 69 24.82 -21.18 12.38
C GLU A 69 23.99 -22.46 12.52
N HIS A 70 24.04 -23.33 11.53
CA HIS A 70 23.37 -24.63 11.56
C HIS A 70 24.30 -25.61 10.85
N HIS A 71 24.40 -26.82 11.39
CA HIS A 71 25.12 -27.89 10.67
C HIS A 71 26.58 -27.47 10.39
N GLY A 72 27.16 -26.68 11.28
CA GLY A 72 28.58 -26.31 11.21
C GLY A 72 28.88 -25.25 10.16
N THR A 73 27.86 -24.60 9.63
CA THR A 73 28.07 -23.60 8.56
C THR A 73 27.07 -22.46 8.76
N TRP A 74 27.24 -21.42 7.95
CA TRP A 74 26.34 -20.24 8.03
C TRP A 74 25.13 -20.43 7.13
N ILE A 75 23.98 -20.02 7.63
CA ILE A 75 22.74 -20.02 6.84
C ILE A 75 22.30 -18.57 6.69
N ASP A 76 22.36 -18.05 5.48
CA ASP A 76 21.87 -16.69 5.17
C ASP A 76 20.36 -16.77 4.94
N LEU A 77 19.58 -16.43 5.96
CA LEU A 77 18.11 -16.42 5.82
C LEU A 77 17.65 -15.17 5.09
N GLY A 78 18.44 -14.11 5.06
CA GLY A 78 18.15 -12.87 4.33
C GLY A 78 19.10 -12.70 3.15
N GLY A 79 19.43 -11.46 2.83
CA GLY A 79 20.31 -11.20 1.68
C GLY A 79 21.62 -11.95 1.79
N GLN A 80 22.08 -12.48 0.66
CA GLN A 80 23.30 -13.32 0.69
C GLN A 80 24.27 -13.02 -0.43
N TRP A 81 23.85 -12.52 -1.57
CA TRP A 81 24.70 -12.41 -2.76
C TRP A 81 25.14 -10.98 -2.97
N ILE A 82 26.35 -10.83 -3.50
CA ILE A 82 26.87 -9.57 -4.08
C ILE A 82 27.41 -9.92 -5.47
N GLY A 83 27.47 -8.91 -6.31
CA GLY A 83 27.86 -9.13 -7.72
C GLY A 83 28.58 -7.92 -8.27
N PRO A 84 29.08 -8.10 -9.49
CA PRO A 84 29.80 -7.02 -10.18
C PRO A 84 28.93 -5.80 -10.38
N GLY A 85 29.52 -4.64 -10.14
CA GLY A 85 28.76 -3.38 -10.22
C GLY A 85 28.35 -2.89 -8.85
N GLN A 86 28.33 -3.78 -7.86
CA GLN A 86 27.89 -3.40 -6.49
C GLN A 86 29.16 -2.97 -5.75
N ASP A 87 29.64 -1.79 -6.08
CA ASP A 87 30.97 -1.40 -5.58
C ASP A 87 30.94 -0.98 -4.10
N ARG A 88 29.81 -0.54 -3.56
CA ARG A 88 29.77 -0.09 -2.17
C ARG A 88 29.91 -1.30 -1.25
N VAL A 89 29.15 -2.36 -1.51
CA VAL A 89 29.24 -3.54 -0.62
C VAL A 89 30.60 -4.24 -0.85
N ALA A 90 31.13 -4.21 -2.07
CA ALA A 90 32.43 -4.85 -2.35
C ALA A 90 33.49 -4.11 -1.55
N ALA A 91 33.47 -2.78 -1.58
CA ALA A 91 34.47 -1.97 -0.86
C ALA A 91 34.36 -2.23 0.65
N LEU A 92 33.15 -2.34 1.17
CA LEU A 92 32.90 -2.53 2.59
C LEU A 92 33.45 -3.90 3.02
N ALA A 93 33.17 -4.96 2.27
CA ALA A 93 33.68 -6.31 2.60
C ALA A 93 35.21 -6.32 2.61
N ALA A 94 35.82 -5.62 1.64
CA ALA A 94 37.30 -5.55 1.55
C ALA A 94 37.83 -4.76 2.76
N GLU A 95 37.18 -3.65 3.11
CA GLU A 95 37.63 -2.83 4.27
C GLU A 95 37.58 -3.64 5.56
N LEU A 96 36.51 -4.38 5.78
CA LEU A 96 36.26 -5.07 7.05
C LEU A 96 36.79 -6.49 7.05
N GLY A 97 37.44 -6.93 5.96
CA GLY A 97 38.13 -8.23 5.94
C GLY A 97 37.23 -9.42 5.79
N VAL A 98 36.12 -9.27 5.05
CA VAL A 98 35.26 -10.45 4.76
C VAL A 98 35.51 -10.89 3.33
N GLU A 99 35.89 -12.14 3.18
CA GLU A 99 36.24 -12.73 1.88
C GLU A 99 34.97 -13.21 1.18
N THR A 100 35.03 -13.27 -0.13
CA THR A 100 33.95 -13.85 -0.94
C THR A 100 34.27 -15.27 -1.37
N TYR A 101 33.25 -15.99 -1.75
CA TYR A 101 33.36 -17.25 -2.50
C TYR A 101 32.34 -17.22 -3.61
N PRO A 102 32.64 -17.83 -4.75
CA PRO A 102 31.75 -17.77 -5.89
C PRO A 102 30.53 -18.67 -5.76
N GLN A 103 29.37 -18.16 -6.20
CA GLN A 103 28.19 -19.03 -6.40
C GLN A 103 28.59 -20.10 -7.41
N PRO A 104 28.40 -21.40 -7.11
CA PRO A 104 28.65 -22.41 -8.12
C PRO A 104 27.82 -22.21 -9.39
N THR A 105 28.46 -22.40 -10.54
CA THR A 105 27.85 -22.13 -11.88
C THR A 105 27.79 -23.41 -12.71
N GLU A 106 28.60 -24.42 -12.38
CA GLU A 106 28.85 -25.53 -13.33
C GLU A 106 27.87 -26.68 -13.06
N GLY A 107 27.76 -27.57 -14.03
CA GLY A 107 26.81 -28.68 -13.96
C GLY A 107 25.57 -28.36 -14.74
N ASP A 108 24.81 -29.39 -15.07
CA ASP A 108 23.55 -29.20 -15.84
C ASP A 108 22.47 -28.63 -14.92
N ASP A 109 21.72 -27.66 -15.46
CA ASP A 109 20.48 -27.14 -14.84
C ASP A 109 19.36 -28.10 -15.23
N VAL A 110 18.30 -28.16 -14.43
CA VAL A 110 17.11 -28.96 -14.77
C VAL A 110 15.93 -28.02 -15.04
N VAL A 111 15.24 -28.23 -16.17
CA VAL A 111 14.05 -27.40 -16.49
C VAL A 111 12.85 -28.35 -16.54
N LEU A 112 11.77 -27.97 -15.87
CA LEU A 112 10.53 -28.77 -15.87
C LEU A 112 9.38 -27.87 -16.25
N PHE A 113 8.63 -28.24 -17.29
CA PHE A 113 7.44 -27.49 -17.75
C PHE A 113 6.22 -28.33 -17.42
N GLY A 114 5.27 -27.77 -16.66
CA GLY A 114 3.93 -28.36 -16.42
C GLY A 114 4.00 -29.83 -16.09
N ASP A 115 3.27 -30.67 -16.85
CA ASP A 115 3.23 -32.14 -16.63
C ASP A 115 4.33 -32.89 -17.39
N GLY A 116 5.34 -32.20 -17.93
CA GLY A 116 6.42 -32.83 -18.74
C GLY A 116 7.41 -33.59 -17.90
N GLU A 117 8.42 -34.14 -18.55
CA GLU A 117 9.58 -34.75 -17.85
C GLU A 117 10.63 -33.67 -17.66
N PRO A 118 11.42 -33.77 -16.58
CA PRO A 118 12.51 -32.83 -16.36
C PRO A 118 13.58 -33.02 -17.46
N GLN A 119 14.12 -31.91 -17.91
CA GLN A 119 15.12 -31.82 -19.00
C GLN A 119 16.43 -31.30 -18.41
N ARG A 120 17.54 -32.02 -18.58
CA ARG A 120 18.90 -31.51 -18.20
C ARG A 120 19.42 -30.63 -19.35
N ALA A 121 19.96 -29.45 -19.06
CA ALA A 121 20.60 -28.55 -20.05
C ALA A 121 21.82 -27.90 -19.40
N PRO A 122 22.92 -27.70 -20.17
CA PRO A 122 24.11 -27.00 -19.68
C PRO A 122 23.79 -25.63 -19.09
N ASP A 123 22.73 -25.02 -19.59
CA ASP A 123 22.13 -23.81 -18.99
C ASP A 123 20.64 -23.89 -19.22
N VAL A 124 19.88 -23.31 -18.30
CA VAL A 124 18.41 -23.10 -18.40
C VAL A 124 18.01 -22.70 -19.84
N ALA A 125 18.72 -21.75 -20.45
CA ALA A 125 18.40 -21.14 -21.78
C ALA A 125 18.21 -22.23 -22.85
N LEU A 126 19.05 -23.26 -22.85
CA LEU A 126 19.07 -24.31 -23.90
C LEU A 126 17.83 -25.21 -23.82
N ALA A 127 16.91 -25.00 -22.87
CA ALA A 127 15.63 -25.75 -22.81
C ALA A 127 14.55 -25.06 -23.64
N PHE A 128 14.89 -23.91 -24.26
CA PHE A 128 14.00 -23.10 -25.13
C PHE A 128 14.54 -23.09 -26.55
N SER A 129 13.66 -22.87 -27.54
CA SER A 129 13.99 -22.82 -28.98
C SER A 129 14.80 -21.55 -29.27
N ASP A 130 15.53 -21.53 -30.38
CA ASP A 130 16.24 -20.31 -30.82
C ASP A 130 15.26 -19.15 -30.90
N GLU A 131 14.07 -19.37 -31.44
CA GLU A 131 13.04 -18.33 -31.62
C GLU A 131 12.58 -17.81 -30.24
N GLU A 132 12.36 -18.70 -29.28
CA GLU A 132 11.98 -18.31 -27.90
C GLU A 132 13.10 -17.49 -27.24
N LEU A 133 14.35 -17.91 -27.37
CA LEU A 133 15.47 -17.19 -26.72
C LEU A 133 15.63 -15.81 -27.40
N THR A 134 15.45 -15.71 -28.73
CA THR A 134 15.53 -14.41 -29.46
C THR A 134 14.42 -13.49 -28.92
N ALA A 135 13.21 -13.98 -28.78
CA ALA A 135 12.05 -13.21 -28.27
C ALA A 135 12.34 -12.72 -26.85
N TYR A 136 12.94 -13.57 -26.02
CA TYR A 136 13.25 -13.21 -24.60
C TYR A 136 14.32 -12.13 -24.56
N LEU A 137 15.36 -12.26 -25.37
CA LEU A 137 16.46 -11.27 -25.45
C LEU A 137 15.94 -9.94 -25.98
N GLU A 138 15.02 -9.97 -26.96
CA GLU A 138 14.44 -8.72 -27.53
C GLU A 138 13.56 -8.08 -26.47
N LEU A 139 12.80 -8.86 -25.71
CA LEU A 139 11.92 -8.31 -24.64
C LEU A 139 12.80 -7.67 -23.55
N ALA A 140 13.80 -8.39 -23.08
CA ALA A 140 14.71 -7.81 -22.06
C ALA A 140 15.36 -6.56 -22.62
N GLY A 141 15.83 -6.57 -23.88
CA GLY A 141 16.48 -5.41 -24.49
C GLY A 141 15.54 -4.24 -24.56
N ALA A 142 14.27 -4.51 -24.88
CA ALA A 142 13.25 -3.47 -24.98
C ALA A 142 13.05 -2.82 -23.61
N LEU A 143 12.99 -3.64 -22.57
CA LEU A 143 12.80 -3.09 -21.20
C LEU A 143 14.05 -2.27 -20.81
N GLU A 144 15.26 -2.73 -21.14
CA GLU A 144 16.51 -1.95 -20.89
C GLU A 144 16.50 -0.60 -21.61
N ALA A 145 15.95 -0.52 -22.82
CA ALA A 145 16.00 0.75 -23.59
C ALA A 145 15.02 1.74 -22.98
N ILE A 146 13.92 1.24 -22.41
CA ILE A 146 12.99 2.07 -21.60
C ILE A 146 13.69 2.52 -20.32
N ALA A 147 14.30 1.56 -19.63
CA ALA A 147 14.98 1.81 -18.34
C ALA A 147 15.97 2.97 -18.48
N GLU A 148 16.77 2.97 -19.56
CA GLU A 148 17.83 3.99 -19.72
C GLU A 148 17.25 5.41 -19.77
N LYS A 149 15.94 5.57 -19.99
CA LYS A 149 15.31 6.90 -20.09
C LYS A 149 14.83 7.37 -18.71
N VAL A 150 14.90 6.51 -17.68
CA VAL A 150 14.29 6.82 -16.36
C VAL A 150 15.38 7.34 -15.44
N PRO A 151 15.31 8.60 -15.03
CA PRO A 151 16.36 9.17 -14.19
C PRO A 151 16.41 8.43 -12.86
N LEU A 152 17.62 8.07 -12.44
CA LEU A 152 17.75 7.23 -11.21
C LEU A 152 17.33 8.00 -9.96
N ASP A 153 17.48 9.34 -9.93
CA ASP A 153 17.17 10.10 -8.71
C ASP A 153 15.72 10.62 -8.76
N ALA A 154 15.02 10.41 -9.88
CA ALA A 154 13.69 11.03 -10.11
C ALA A 154 13.00 10.32 -11.25
N PRO A 155 12.50 9.09 -10.99
CA PRO A 155 11.83 8.36 -12.07
C PRO A 155 10.62 9.12 -12.61
N TRP A 156 9.99 9.94 -11.76
CA TRP A 156 8.80 10.76 -12.12
C TRP A 156 9.17 11.80 -13.18
N LEU A 157 10.45 12.03 -13.42
CA LEU A 157 10.88 12.98 -14.48
C LEU A 157 11.22 12.26 -15.79
N ALA A 158 11.02 10.96 -15.92
CA ALA A 158 11.17 10.34 -17.26
C ALA A 158 10.26 11.09 -18.22
N PRO A 159 10.72 11.34 -19.47
CA PRO A 159 9.82 11.96 -20.45
C PRO A 159 8.43 11.29 -20.57
N GLU A 160 8.37 9.96 -20.56
CA GLU A 160 7.10 9.20 -20.69
C GLU A 160 6.58 8.78 -19.30
N ALA A 161 6.96 9.47 -18.21
CA ALA A 161 6.64 9.03 -16.81
C ALA A 161 5.13 8.80 -16.66
N ALA A 162 4.28 9.69 -17.18
CA ALA A 162 2.83 9.53 -17.00
C ALA A 162 2.31 8.22 -17.60
N ALA A 163 2.68 7.94 -18.84
CA ALA A 163 2.23 6.72 -19.53
C ALA A 163 2.82 5.52 -18.82
N TRP A 164 4.10 5.56 -18.51
CA TRP A 164 4.75 4.34 -18.01
C TRP A 164 4.30 4.08 -16.56
N ASP A 165 3.87 5.11 -15.84
CA ASP A 165 3.38 4.94 -14.44
C ASP A 165 1.97 4.42 -14.46
N ALA A 166 1.24 4.63 -15.56
CA ALA A 166 -0.19 4.22 -15.66
C ALA A 166 -0.35 2.78 -16.13
N THR A 167 0.73 2.11 -16.51
CA THR A 167 0.73 0.82 -17.19
C THR A 167 1.38 -0.18 -16.25
N THR A 168 0.84 -1.37 -16.10
CA THR A 168 1.55 -2.44 -15.34
C THR A 168 2.68 -2.96 -16.21
N LEU A 169 3.68 -3.59 -15.60
CA LEU A 169 4.67 -4.33 -16.41
C LEU A 169 3.96 -5.41 -17.23
N ARG A 170 2.98 -6.07 -16.68
CA ARG A 170 2.30 -7.18 -17.37
C ARG A 170 1.66 -6.66 -18.66
N GLU A 171 0.99 -5.52 -18.60
CA GLU A 171 0.30 -4.96 -19.80
C GLU A 171 1.35 -4.65 -20.87
N TRP A 172 2.49 -4.09 -20.46
CA TRP A 172 3.60 -3.81 -21.40
C TRP A 172 4.08 -5.12 -22.02
N VAL A 173 4.33 -6.16 -21.23
CA VAL A 173 4.82 -7.46 -21.78
C VAL A 173 3.78 -7.98 -22.78
N ALA A 174 2.50 -7.85 -22.50
CA ALA A 174 1.44 -8.40 -23.39
C ALA A 174 1.48 -7.65 -24.74
N GLY A 175 1.69 -6.34 -24.70
CA GLY A 175 1.75 -5.46 -25.89
C GLY A 175 2.94 -5.76 -26.79
N THR A 176 3.98 -6.43 -26.31
CA THR A 176 5.17 -6.75 -27.12
C THR A 176 4.83 -7.89 -28.09
N GLY A 177 3.76 -8.64 -27.81
CA GLY A 177 3.32 -9.77 -28.63
C GLY A 177 4.23 -10.99 -28.52
N VAL A 178 5.12 -11.06 -27.53
CA VAL A 178 5.90 -12.30 -27.29
C VAL A 178 4.94 -13.44 -27.02
N PRO A 179 5.38 -14.68 -27.32
CA PRO A 179 4.56 -15.87 -27.12
C PRO A 179 4.40 -16.19 -25.63
N ASP A 180 3.41 -17.02 -25.30
CA ASP A 180 3.07 -17.44 -23.93
C ASP A 180 4.34 -17.89 -23.24
N ARG A 181 5.09 -18.81 -23.84
CA ARG A 181 6.23 -19.47 -23.16
C ARG A 181 7.27 -18.43 -22.74
N VAL A 182 7.50 -17.45 -23.61
CA VAL A 182 8.52 -16.40 -23.38
C VAL A 182 7.99 -15.53 -22.23
N ALA A 183 6.73 -15.07 -22.34
CA ALA A 183 6.07 -14.31 -21.26
C ALA A 183 6.15 -15.10 -19.93
N GLY A 184 5.94 -16.43 -19.93
CA GLY A 184 6.06 -17.27 -18.71
C GLY A 184 7.47 -17.29 -18.13
N LEU A 185 8.47 -17.37 -18.98
CA LEU A 185 9.87 -17.42 -18.54
C LEU A 185 10.22 -16.06 -17.95
N PHE A 186 9.83 -15.01 -18.65
CA PHE A 186 10.05 -13.62 -18.19
C PHE A 186 9.37 -13.49 -16.82
N GLU A 187 8.16 -14.00 -16.65
CA GLU A 187 7.42 -13.91 -15.35
C GLU A 187 8.22 -14.58 -14.23
N VAL A 188 8.88 -15.72 -14.47
CA VAL A 188 9.75 -16.38 -13.45
C VAL A 188 10.85 -15.39 -13.00
N ALA A 189 11.45 -14.72 -13.97
CA ALA A 189 12.51 -13.72 -13.69
C ALA A 189 11.92 -12.54 -12.94
N VAL A 190 10.78 -12.02 -13.38
CA VAL A 190 10.14 -10.88 -12.69
C VAL A 190 9.91 -11.27 -11.22
N GLN A 191 9.34 -12.43 -10.96
CA GLN A 191 8.99 -12.78 -9.56
C GLN A 191 10.26 -12.99 -8.74
N ALA A 192 11.32 -13.52 -9.37
CA ALA A 192 12.58 -13.77 -8.67
C ALA A 192 13.24 -12.45 -8.29
N VAL A 193 13.13 -11.42 -9.14
CA VAL A 193 13.77 -10.11 -8.88
C VAL A 193 12.90 -9.27 -7.93
N PHE A 194 11.58 -9.23 -8.14
CA PHE A 194 10.71 -8.25 -7.47
C PHE A 194 9.92 -8.87 -6.31
N ALA A 195 9.86 -10.20 -6.20
CA ALA A 195 9.05 -10.87 -5.16
C ALA A 195 7.60 -10.38 -5.28
N ALA A 196 7.16 -10.21 -6.53
CA ALA A 196 5.85 -9.65 -6.88
C ALA A 196 5.58 -10.04 -8.34
N THR A 197 4.33 -10.09 -8.74
CA THR A 197 4.05 -10.44 -10.16
C THR A 197 4.18 -9.20 -11.04
N SER A 198 4.22 -9.41 -12.35
CA SER A 198 4.30 -8.30 -13.32
C SER A 198 3.04 -7.45 -13.28
N ALA A 199 1.90 -7.98 -12.78
CA ALA A 199 0.68 -7.17 -12.64
C ALA A 199 0.70 -6.20 -11.47
N GLN A 200 1.54 -6.45 -10.47
CA GLN A 200 1.58 -5.64 -9.23
C GLN A 200 2.40 -4.38 -9.46
N LEU A 201 3.33 -4.42 -10.40
CA LEU A 201 4.39 -3.41 -10.59
C LEU A 201 3.98 -2.47 -11.69
N SER A 202 4.20 -1.18 -11.54
CA SER A 202 4.16 -0.29 -12.73
C SER A 202 5.34 -0.57 -13.67
N LEU A 203 5.16 -0.26 -14.95
CA LEU A 203 6.26 -0.33 -15.90
C LEU A 203 7.35 0.62 -15.44
N LEU A 204 6.97 1.82 -14.97
CA LEU A 204 7.95 2.84 -14.56
C LEU A 204 8.77 2.30 -13.39
N HIS A 205 8.14 1.65 -12.43
CA HIS A 205 8.90 1.05 -11.30
C HIS A 205 9.90 0.03 -11.82
N ALA A 206 9.46 -0.89 -12.66
CA ALA A 206 10.35 -1.96 -13.14
C ALA A 206 11.47 -1.36 -13.94
N ALA A 207 11.17 -0.42 -14.85
CA ALA A 207 12.19 0.27 -15.65
C ALA A 207 13.20 0.96 -14.74
N HIS A 208 12.77 1.68 -13.70
CA HIS A 208 13.74 2.36 -12.78
C HIS A 208 14.65 1.31 -12.17
N TYR A 209 14.06 0.20 -11.74
CA TYR A 209 14.82 -0.86 -11.02
C TYR A 209 15.86 -1.43 -11.94
N VAL A 210 15.51 -1.68 -13.20
CA VAL A 210 16.47 -2.24 -14.19
C VAL A 210 17.58 -1.23 -14.44
N HIS A 211 17.28 0.06 -14.58
CA HIS A 211 18.29 1.12 -14.75
C HIS A 211 19.21 1.16 -13.53
N SER A 212 18.61 1.07 -12.35
CA SER A 212 19.32 1.18 -11.06
C SER A 212 20.40 0.07 -10.98
N ALA A 213 20.11 -1.12 -11.46
CA ALA A 213 21.03 -2.28 -11.38
C ALA A 213 22.06 -2.24 -12.52
N GLY A 214 21.80 -1.49 -13.59
CA GLY A 214 22.69 -1.52 -14.75
C GLY A 214 22.27 -2.56 -15.76
N GLY A 215 21.00 -2.99 -15.78
CA GLY A 215 20.47 -3.81 -16.86
C GLY A 215 19.89 -5.13 -16.42
N TRP A 216 19.23 -5.81 -17.34
CA TRP A 216 18.49 -7.05 -17.03
C TRP A 216 19.47 -8.18 -16.73
N SER A 217 20.59 -8.27 -17.46
CA SER A 217 21.66 -9.26 -17.19
C SER A 217 22.21 -9.07 -15.77
N LYS A 218 22.39 -7.83 -15.35
CA LYS A 218 22.94 -7.57 -14.00
C LYS A 218 21.99 -8.15 -12.95
N LEU A 219 20.70 -8.06 -13.20
CA LEU A 219 19.71 -8.56 -12.23
C LEU A 219 19.63 -10.07 -12.25
N THR A 220 19.73 -10.71 -13.42
CA THR A 220 19.30 -12.12 -13.54
C THR A 220 20.49 -13.06 -13.69
N ASP A 221 21.68 -12.61 -14.05
CA ASP A 221 22.81 -13.54 -14.28
C ASP A 221 23.42 -13.94 -12.92
N THR A 222 24.02 -15.14 -12.86
CA THR A 222 24.93 -15.54 -11.78
C THR A 222 26.33 -15.01 -12.12
N GLU A 223 27.04 -15.65 -13.02
CA GLU A 223 28.35 -15.08 -13.48
C GLU A 223 28.08 -13.76 -14.20
N GLY A 224 28.68 -12.67 -13.71
CA GLY A 224 28.55 -11.34 -14.29
C GLY A 224 27.35 -10.62 -13.73
N GLY A 225 26.61 -11.23 -12.77
CA GLY A 225 25.42 -10.54 -12.28
C GLY A 225 25.28 -10.60 -10.77
N ALA A 226 24.09 -10.27 -10.30
CA ALA A 226 23.85 -10.04 -8.89
C ALA A 226 24.01 -11.30 -8.05
N GLN A 227 23.94 -12.50 -8.65
CA GLN A 227 24.06 -13.74 -7.87
C GLN A 227 25.49 -14.30 -7.94
N GLN A 228 26.48 -13.46 -8.29
CA GLN A 228 27.81 -14.04 -8.60
C GLN A 228 28.50 -14.57 -7.32
N ASP A 229 28.48 -13.84 -6.23
CA ASP A 229 29.40 -14.14 -5.09
C ASP A 229 28.62 -14.16 -3.79
N ARG A 230 29.12 -14.93 -2.85
CA ARG A 230 28.64 -15.07 -1.46
C ARG A 230 29.74 -14.53 -0.53
N LEU A 231 29.46 -14.33 0.74
CA LEU A 231 30.41 -13.88 1.75
C LEU A 231 30.75 -15.03 2.67
N VAL A 232 32.03 -15.34 2.79
CA VAL A 232 32.47 -16.38 3.75
C VAL A 232 32.00 -15.99 5.16
N GLY A 233 31.24 -16.86 5.81
CA GLY A 233 30.64 -16.63 7.14
C GLY A 233 29.27 -15.99 7.10
N GLY A 234 28.84 -15.61 5.92
CA GLY A 234 27.49 -14.98 5.80
C GLY A 234 27.49 -13.49 5.93
N VAL A 235 26.36 -12.88 5.67
CA VAL A 235 26.26 -11.42 5.56
C VAL A 235 26.05 -10.74 6.91
N GLN A 236 25.26 -11.29 7.82
CA GLN A 236 25.02 -10.63 9.13
C GLN A 236 26.35 -10.34 9.82
N PRO A 237 27.35 -11.21 9.78
CA PRO A 237 28.63 -10.84 10.41
C PRO A 237 29.34 -9.65 9.74
N LEU A 238 29.10 -9.39 8.46
CA LEU A 238 29.63 -8.16 7.83
C LEU A 238 28.96 -6.96 8.47
N ALA A 239 27.63 -6.98 8.65
CA ALA A 239 26.90 -5.91 9.33
C ALA A 239 27.42 -5.76 10.77
N GLU A 240 27.76 -6.87 11.42
CA GLU A 240 28.31 -6.80 12.79
C GLU A 240 29.68 -6.16 12.76
N ARG A 241 30.55 -6.47 11.82
CA ARG A 241 31.88 -5.78 11.74
C ARG A 241 31.67 -4.29 11.54
N LEU A 242 30.67 -3.92 10.74
CA LEU A 242 30.39 -2.49 10.49
C LEU A 242 29.92 -1.87 11.81
N ALA A 243 29.00 -2.49 12.56
CA ALA A 243 28.49 -1.97 13.84
C ALA A 243 29.63 -1.85 14.86
N ALA A 244 30.65 -2.69 14.75
CA ALA A 244 31.78 -2.68 15.69
C ALA A 244 32.68 -1.46 15.44
N ARG A 245 32.49 -0.71 14.37
CA ARG A 245 33.20 0.56 14.13
C ARG A 245 32.49 1.69 14.89
N LEU A 246 31.35 1.46 15.50
CA LEU A 246 30.68 2.49 16.31
C LEU A 246 31.23 2.42 17.72
N PRO A 247 31.27 3.54 18.45
CA PRO A 247 31.65 3.49 19.85
C PRO A 247 30.70 2.68 20.72
N ASP A 248 31.23 2.07 21.79
CA ASP A 248 30.38 1.45 22.80
C ASP A 248 29.35 2.49 23.29
N GLY A 249 28.14 2.03 23.46
CA GLY A 249 27.05 2.90 23.88
C GLY A 249 26.23 3.39 22.71
N ALA A 250 26.75 3.43 21.51
CA ALA A 250 26.03 4.02 20.36
C ALA A 250 24.83 3.14 19.99
N LEU A 251 25.00 1.82 19.93
CA LEU A 251 23.98 0.90 19.43
C LEU A 251 23.11 0.51 20.61
N ARG A 252 21.80 0.60 20.43
CA ARG A 252 20.80 0.15 21.40
C ARG A 252 19.94 -0.90 20.73
N LEU A 253 20.17 -2.18 21.04
CA LEU A 253 19.33 -3.26 20.49
C LEU A 253 18.07 -3.42 21.32
N SER A 254 17.14 -4.18 20.76
CA SER A 254 15.84 -4.48 21.39
C SER A 254 15.14 -3.20 21.79
N THR A 255 15.22 -2.17 20.98
CA THR A 255 14.70 -0.84 21.31
C THR A 255 13.91 -0.32 20.11
N PRO A 256 12.68 -0.82 19.90
CA PRO A 256 11.83 -0.29 18.84
C PRO A 256 11.50 1.19 19.07
N VAL A 257 11.57 1.94 17.99
CA VAL A 257 11.12 3.35 17.98
C VAL A 257 9.63 3.37 17.74
N ARG A 258 8.89 3.95 18.69
CA ARG A 258 7.44 4.10 18.64
C ARG A 258 7.03 5.50 18.17
N GLY A 259 7.79 6.53 18.51
CA GLY A 259 7.42 7.89 18.10
C GLY A 259 8.65 8.72 17.76
N LEU A 260 8.45 9.72 16.94
CA LEU A 260 9.53 10.64 16.52
C LEU A 260 8.91 12.02 16.41
N ALA A 261 9.21 12.86 17.39
CA ALA A 261 8.68 14.23 17.45
C ALA A 261 9.79 15.18 17.06
N GLN A 262 9.43 16.30 16.50
CA GLN A 262 10.43 17.33 16.19
C GLN A 262 9.84 18.72 16.43
N ASP A 263 10.74 19.63 16.73
CA ASP A 263 10.40 21.05 16.89
C ASP A 263 11.54 21.90 16.31
N GLY A 264 11.54 23.19 16.62
CA GLY A 264 12.61 24.05 16.13
C GLY A 264 13.99 23.77 16.72
N ASP A 265 14.12 23.01 17.82
CA ASP A 265 15.43 22.83 18.49
C ASP A 265 15.94 21.39 18.33
N GLY A 266 15.14 20.44 17.82
CA GLY A 266 15.65 19.07 17.68
C GLY A 266 14.54 18.05 17.51
N VAL A 267 14.86 16.81 17.78
CA VAL A 267 13.93 15.68 17.69
C VAL A 267 13.89 14.99 19.04
N THR A 268 12.80 14.31 19.30
CA THR A 268 12.62 13.43 20.45
C THR A 268 12.08 12.09 19.98
N VAL A 269 12.81 11.03 20.29
CA VAL A 269 12.44 9.66 19.92
C VAL A 269 11.85 9.01 21.14
N ARG A 270 10.66 8.46 20.98
CA ARG A 270 9.96 7.72 22.04
C ARG A 270 10.14 6.22 21.84
N THR A 271 10.65 5.55 22.86
CA THR A 271 10.71 4.06 22.92
C THR A 271 9.85 3.59 24.10
N ALA A 272 9.69 2.28 24.33
CA ALA A 272 9.00 1.76 25.54
C ALA A 272 9.78 2.17 26.80
N GLY A 273 11.11 2.20 26.72
CA GLY A 273 12.01 2.46 27.85
C GLY A 273 12.34 3.92 28.07
N GLY A 274 11.74 4.84 27.31
CA GLY A 274 11.91 6.28 27.55
C GLY A 274 12.22 7.02 26.26
N GLU A 275 12.96 8.11 26.35
CA GLU A 275 13.11 9.04 25.20
C GLU A 275 14.59 9.27 24.92
N VAL A 276 14.91 9.56 23.67
CA VAL A 276 16.27 9.98 23.23
C VAL A 276 16.07 11.35 22.58
N ARG A 277 16.87 12.35 22.93
CA ARG A 277 16.85 13.69 22.30
C ARG A 277 18.02 13.75 21.32
N ALA A 278 17.80 14.32 20.15
CA ALA A 278 18.86 14.54 19.17
C ALA A 278 18.58 15.79 18.36
N ARG A 279 19.58 16.25 17.64
CA ARG A 279 19.40 17.43 16.78
C ARG A 279 18.70 17.01 15.50
N ARG A 280 19.11 15.88 14.92
CA ARG A 280 18.52 15.40 13.67
C ARG A 280 18.33 13.89 13.73
N ALA A 281 17.43 13.38 12.90
CA ALA A 281 17.17 11.92 12.85
C ALA A 281 17.35 11.42 11.43
N ILE A 282 17.81 10.18 11.33
CA ILE A 282 17.80 9.41 10.07
C ILE A 282 16.98 8.16 10.30
N VAL A 283 15.86 8.07 9.59
CA VAL A 283 15.01 6.87 9.69
C VAL A 283 15.37 5.94 8.54
N ALA A 284 15.85 4.74 8.88
CA ALA A 284 16.42 3.81 7.90
C ALA A 284 15.72 2.46 7.95
N VAL A 285 14.39 2.45 7.88
CA VAL A 285 13.59 1.23 8.01
C VAL A 285 12.78 1.09 6.74
N PRO A 286 12.16 -0.09 6.50
CA PRO A 286 11.30 -0.21 5.34
C PRO A 286 10.16 0.78 5.33
N PRO A 287 9.75 1.23 4.13
CA PRO A 287 8.75 2.27 4.04
C PRO A 287 7.48 2.01 4.85
N THR A 288 6.93 0.80 4.80
CA THR A 288 5.68 0.50 5.53
C THR A 288 5.93 0.67 7.03
N LEU A 289 7.12 0.35 7.56
CA LEU A 289 7.42 0.50 8.99
C LEU A 289 7.71 1.97 9.33
N ALA A 290 8.25 2.72 8.39
CA ALA A 290 8.49 4.17 8.63
C ALA A 290 7.15 4.87 8.81
N GLY A 291 6.13 4.44 8.10
CA GLY A 291 4.79 5.08 8.19
C GLY A 291 4.10 4.79 9.52
N ARG A 292 4.51 3.75 10.22
CA ARG A 292 3.82 3.29 11.45
C ARG A 292 4.37 4.00 12.69
N ILE A 293 5.52 4.65 12.59
CA ILE A 293 6.08 5.49 13.69
C ILE A 293 5.12 6.67 13.91
N ASP A 294 4.89 6.99 15.19
CA ASP A 294 4.04 8.13 15.55
C ASP A 294 4.86 9.40 15.31
N HIS A 295 4.66 10.06 14.19
CA HIS A 295 5.39 11.28 13.83
C HIS A 295 4.64 12.48 14.39
N ASP A 296 5.37 13.38 15.03
CA ASP A 296 4.81 14.65 15.51
C ASP A 296 5.73 15.76 15.05
N PRO A 297 5.30 16.68 14.18
CA PRO A 297 3.96 16.69 13.59
C PRO A 297 3.77 15.50 12.66
N PRO A 298 2.51 15.16 12.31
CA PRO A 298 2.30 14.09 11.36
C PRO A 298 3.07 14.37 10.06
N LEU A 299 3.41 13.31 9.34
CA LEU A 299 4.10 13.49 8.06
C LEU A 299 3.19 14.24 7.09
N PRO A 300 3.76 15.02 6.16
CA PRO A 300 2.97 15.66 5.11
C PRO A 300 2.20 14.58 4.36
N PRO A 301 1.02 14.91 3.80
CA PRO A 301 0.15 13.89 3.24
C PRO A 301 0.77 13.19 2.05
N GLN A 302 1.53 13.86 1.17
CA GLN A 302 2.11 13.17 0.03
C GLN A 302 3.06 12.07 0.53
N ARG A 303 3.79 12.34 1.60
CA ARG A 303 4.74 11.32 2.12
C ARG A 303 3.96 10.18 2.78
N ASP A 304 2.97 10.50 3.62
CA ASP A 304 2.20 9.42 4.25
C ASP A 304 1.59 8.53 3.18
N GLN A 305 1.00 9.13 2.16
CA GLN A 305 0.34 8.32 1.11
C GLN A 305 1.37 7.61 0.25
N LEU A 306 2.55 8.16 0.04
CA LEU A 306 3.61 7.40 -0.65
C LEU A 306 3.86 6.11 0.13
N LEU A 307 3.97 6.18 1.46
CA LEU A 307 4.31 4.94 2.21
C LEU A 307 3.16 3.95 2.09
N GLN A 308 1.91 4.41 1.99
CA GLN A 308 0.77 3.52 1.73
C GLN A 308 0.85 2.87 0.36
N HIS A 309 1.61 3.43 -0.59
CA HIS A 309 1.76 2.93 -1.97
C HIS A 309 3.13 2.29 -2.18
N MET A 310 3.81 1.90 -1.10
CA MET A 310 5.12 1.21 -1.22
C MET A 310 5.07 -0.11 -0.45
N PRO A 311 4.20 -1.04 -0.88
CA PRO A 311 4.14 -2.34 -0.20
C PRO A 311 5.43 -3.13 -0.41
N GLN A 312 5.79 -3.87 0.62
CA GLN A 312 6.92 -4.82 0.52
C GLN A 312 6.50 -6.02 -0.32
N GLY A 313 7.51 -6.64 -0.93
CA GLY A 313 7.33 -7.91 -1.65
C GLY A 313 7.01 -9.07 -0.72
N SER A 314 6.78 -10.23 -1.30
CA SER A 314 6.44 -11.45 -0.56
C SER A 314 7.42 -12.56 -0.94
N VAL A 315 8.19 -13.02 0.04
CA VAL A 315 9.18 -14.10 -0.22
C VAL A 315 9.35 -14.95 1.05
N VAL A 316 9.36 -16.27 0.80
CA VAL A 316 9.82 -17.25 1.81
C VAL A 316 11.10 -17.80 1.24
N LYS A 317 12.21 -17.64 1.97
CA LYS A 317 13.54 -18.14 1.53
C LYS A 317 13.84 -19.42 2.30
N PHE A 318 14.33 -20.43 1.59
CA PHE A 318 14.63 -21.72 2.23
C PHE A 318 15.99 -22.24 1.83
N HIS A 319 16.48 -23.08 2.73
CA HIS A 319 17.69 -23.90 2.48
C HIS A 319 17.37 -25.33 2.85
N VAL A 320 17.57 -26.23 1.90
CA VAL A 320 17.41 -27.69 2.12
C VAL A 320 18.78 -28.27 2.38
N ILE A 321 18.95 -28.92 3.53
CA ILE A 321 20.27 -29.42 3.99
C ILE A 321 20.35 -30.92 3.77
N TYR A 322 21.47 -31.32 3.18
CA TYR A 322 21.82 -32.72 2.92
C TYR A 322 23.22 -32.95 3.48
N ASP A 323 23.56 -34.21 3.75
CA ASP A 323 24.91 -34.49 4.28
C ASP A 323 25.95 -34.07 3.25
N GLU A 324 25.69 -34.26 1.97
CA GLU A 324 26.60 -33.89 0.86
C GLU A 324 25.81 -33.32 -0.31
N PRO A 325 26.47 -32.54 -1.19
CA PRO A 325 25.87 -32.04 -2.44
C PRO A 325 25.86 -33.15 -3.49
N TRP A 326 24.99 -34.13 -3.24
CA TRP A 326 24.99 -35.40 -3.98
C TRP A 326 24.69 -35.15 -5.45
N TRP A 327 23.98 -34.09 -5.78
CA TRP A 327 23.64 -33.75 -7.20
C TRP A 327 24.92 -33.52 -8.01
N ARG A 328 26.01 -33.05 -7.38
CA ARG A 328 27.23 -32.70 -8.15
C ARG A 328 27.80 -33.97 -8.80
N ALA A 329 27.68 -35.11 -8.12
CA ALA A 329 28.23 -36.40 -8.58
C ALA A 329 27.42 -36.88 -9.77
N GLU A 330 26.23 -36.34 -9.99
CA GLU A 330 25.33 -36.69 -11.11
C GLU A 330 25.55 -35.70 -12.25
N GLY A 331 26.47 -34.75 -12.10
CA GLY A 331 26.79 -33.71 -13.08
C GLY A 331 25.70 -32.65 -13.12
N LEU A 332 24.94 -32.50 -12.03
CA LEU A 332 23.88 -31.45 -11.89
C LEU A 332 24.40 -30.25 -11.10
N SER A 333 23.96 -29.07 -11.49
CA SER A 333 24.34 -27.78 -10.84
C SER A 333 23.61 -27.66 -9.48
N GLY A 334 22.39 -28.21 -9.37
CA GLY A 334 21.51 -27.95 -8.22
C GLY A 334 20.50 -26.88 -8.54
N THR A 335 20.61 -26.28 -9.73
CA THR A 335 19.62 -25.30 -10.20
C THR A 335 18.49 -26.02 -10.92
N VAL A 336 17.27 -25.69 -10.54
CA VAL A 336 16.04 -26.19 -11.20
C VAL A 336 15.19 -24.98 -11.55
N LEU A 337 14.59 -24.99 -12.74
CA LEU A 337 13.69 -23.90 -13.22
C LEU A 337 12.37 -24.60 -13.54
N CYS A 338 11.34 -24.35 -12.75
CA CYS A 338 10.03 -25.05 -12.88
C CYS A 338 8.91 -24.03 -12.84
N PRO A 339 8.63 -23.36 -13.97
CA PRO A 339 7.69 -22.24 -13.99
C PRO A 339 6.27 -22.57 -13.45
N ASP A 340 5.84 -23.80 -13.46
CA ASP A 340 4.47 -24.18 -13.02
C ASP A 340 4.45 -24.69 -11.57
N GLU A 341 5.59 -24.71 -10.88
CA GLU A 341 5.67 -25.16 -9.48
C GLU A 341 5.62 -23.93 -8.59
N PRO A 342 5.41 -24.10 -7.27
CA PRO A 342 5.33 -22.96 -6.38
C PRO A 342 6.67 -22.31 -6.08
N ILE A 343 7.76 -23.00 -6.35
CA ILE A 343 9.08 -22.42 -6.04
C ILE A 343 9.70 -21.86 -7.31
N GLY A 344 10.60 -20.90 -7.09
CA GLY A 344 11.38 -20.30 -8.18
C GLY A 344 12.63 -21.08 -8.50
N VAL A 345 13.59 -20.40 -9.07
CA VAL A 345 14.87 -21.02 -9.45
C VAL A 345 15.60 -21.38 -8.17
N THR A 346 16.23 -22.53 -8.16
CA THR A 346 17.03 -22.95 -6.99
C THR A 346 18.51 -22.78 -7.35
N PHE A 347 19.29 -22.83 -6.28
CA PHE A 347 20.75 -22.62 -6.35
C PHE A 347 21.44 -23.62 -5.45
N ASP A 348 22.64 -24.08 -5.88
CA ASP A 348 23.54 -24.83 -4.98
C ASP A 348 24.10 -23.86 -3.94
N GLY A 349 23.71 -24.05 -2.68
CA GLY A 349 24.07 -23.22 -1.54
C GLY A 349 25.18 -23.78 -0.69
N THR A 350 25.87 -24.79 -1.19
CA THR A 350 26.91 -25.48 -0.41
C THR A 350 28.08 -24.54 -0.15
N PRO A 351 28.65 -24.52 1.07
CA PRO A 351 29.78 -23.63 1.35
C PRO A 351 31.05 -24.19 0.73
N PRO A 352 32.15 -23.42 0.79
CA PRO A 352 33.42 -23.88 0.18
C PRO A 352 33.94 -25.18 0.75
N ALA A 353 33.60 -25.50 1.99
CA ALA A 353 34.03 -26.79 2.59
C ALA A 353 33.51 -27.97 1.76
N GLY A 354 32.40 -27.79 1.03
CA GLY A 354 31.82 -28.85 0.19
C GLY A 354 30.82 -29.70 0.93
N THR A 355 30.58 -29.47 2.20
CA THR A 355 29.50 -30.07 3.01
C THR A 355 29.10 -29.04 4.04
N PRO A 356 27.85 -29.09 4.57
CA PRO A 356 26.79 -29.94 4.07
C PRO A 356 26.34 -29.53 2.65
N GLY A 357 25.66 -30.40 1.91
CA GLY A 357 25.02 -29.99 0.66
C GLY A 357 23.82 -29.12 0.97
N ILE A 358 23.69 -28.00 0.26
CA ILE A 358 22.51 -27.12 0.48
C ILE A 358 21.90 -26.82 -0.87
N VAL A 359 20.58 -26.93 -0.96
CA VAL A 359 19.80 -26.33 -2.07
C VAL A 359 19.01 -25.15 -1.51
N THR A 360 19.26 -24.00 -2.11
CA THR A 360 18.67 -22.73 -1.69
C THR A 360 17.59 -22.37 -2.70
N GLY A 361 16.47 -21.90 -2.19
CA GLY A 361 15.46 -21.35 -3.09
C GLY A 361 14.44 -20.48 -2.39
N PHE A 362 13.39 -20.20 -3.14
CA PHE A 362 12.41 -19.16 -2.76
C PHE A 362 11.01 -19.55 -3.20
N PHE A 363 10.06 -19.20 -2.34
CA PHE A 363 8.66 -18.97 -2.73
C PHE A 363 8.53 -17.47 -2.95
N GLU A 364 7.99 -17.05 -4.07
CA GLU A 364 7.93 -15.63 -4.44
C GLU A 364 6.50 -15.18 -4.74
N GLY A 365 6.15 -13.96 -4.39
CA GLY A 365 4.86 -13.40 -4.80
C GLY A 365 3.69 -14.17 -4.24
N PRO A 366 2.67 -14.48 -5.06
CA PRO A 366 1.48 -15.18 -4.59
C PRO A 366 1.83 -16.51 -3.89
N ALA A 367 2.84 -17.21 -4.42
CA ALA A 367 3.24 -18.51 -3.88
C ALA A 367 3.79 -18.34 -2.45
N ALA A 368 4.46 -17.21 -2.17
CA ALA A 368 5.02 -16.94 -0.81
C ALA A 368 3.88 -16.69 0.14
N VAL A 369 2.83 -15.98 -0.29
CA VAL A 369 1.68 -15.69 0.59
C VAL A 369 0.92 -16.99 0.91
N ALA A 370 0.75 -17.85 -0.09
CA ALA A 370 0.13 -19.16 0.14
C ALA A 370 1.00 -19.96 1.09
N ALA A 371 2.32 -20.00 0.84
CA ALA A 371 3.24 -20.82 1.65
C ALA A 371 3.34 -20.30 3.06
N GLY A 372 3.31 -18.97 3.24
CA GLY A 372 3.41 -18.37 4.56
C GLY A 372 2.25 -18.69 5.47
N ALA A 373 1.13 -19.06 4.89
CA ALA A 373 -0.05 -19.43 5.69
C ALA A 373 0.03 -20.89 6.13
N ARG A 374 1.02 -21.64 5.66
CA ARG A 374 1.19 -23.06 5.94
C ARG A 374 2.34 -23.20 6.93
N THR A 375 2.51 -24.40 7.46
CA THR A 375 3.58 -24.66 8.43
C THR A 375 4.93 -24.93 7.67
N ARG A 376 6.01 -24.83 8.43
CA ARG A 376 7.34 -25.15 7.91
C ARG A 376 7.29 -26.55 7.28
N GLU A 377 6.70 -27.50 7.99
CA GLU A 377 6.69 -28.90 7.48
C GLU A 377 5.95 -28.99 6.14
N GLU A 378 4.84 -28.28 5.98
CA GLU A 378 4.10 -28.27 4.71
C GLU A 378 4.97 -27.64 3.61
N ARG A 379 5.69 -26.57 3.93
CA ARG A 379 6.60 -25.93 2.92
C ARG A 379 7.72 -26.91 2.57
N ARG A 380 8.36 -27.48 3.60
CA ARG A 380 9.36 -28.53 3.39
C ARG A 380 8.86 -29.59 2.42
N ASP A 381 7.65 -30.10 2.67
CA ASP A 381 7.14 -31.18 1.80
C ASP A 381 7.02 -30.72 0.34
N VAL A 382 6.52 -29.51 0.10
CA VAL A 382 6.40 -28.95 -1.27
C VAL A 382 7.78 -28.90 -1.91
N VAL A 383 8.77 -28.35 -1.19
CA VAL A 383 10.11 -28.15 -1.78
C VAL A 383 10.74 -29.50 -2.08
N VAL A 384 10.70 -30.43 -1.12
CA VAL A 384 11.37 -31.72 -1.31
C VAL A 384 10.74 -32.48 -2.47
N ASP A 385 9.42 -32.37 -2.64
CA ASP A 385 8.70 -33.06 -3.74
C ASP A 385 9.20 -32.48 -5.08
N VAL A 386 9.34 -31.17 -5.18
CA VAL A 386 9.80 -30.54 -6.45
C VAL A 386 11.21 -31.04 -6.72
N LEU A 387 12.07 -31.02 -5.70
CA LEU A 387 13.47 -31.45 -5.91
C LEU A 387 13.50 -32.93 -6.28
N ALA A 388 12.67 -33.76 -5.67
CA ALA A 388 12.68 -35.22 -5.99
C ALA A 388 12.36 -35.40 -7.47
N ARG A 389 11.47 -34.59 -8.03
CA ARG A 389 10.98 -34.73 -9.41
C ARG A 389 11.97 -34.14 -10.41
N THR A 390 12.97 -33.39 -9.94
CA THR A 390 13.87 -32.60 -10.82
C THR A 390 15.28 -33.08 -10.62
N LEU A 391 15.83 -32.96 -9.42
CA LEU A 391 17.23 -33.37 -9.16
C LEU A 391 17.27 -34.87 -8.95
N GLY A 392 16.21 -35.50 -8.44
CA GLY A 392 16.18 -36.94 -8.23
C GLY A 392 15.69 -37.39 -6.87
N GLU A 393 15.40 -38.69 -6.74
CA GLU A 393 14.78 -39.32 -5.56
C GLU A 393 15.65 -39.14 -4.32
N ARG A 394 16.96 -38.91 -4.45
CA ARG A 394 17.82 -38.75 -3.25
C ARG A 394 17.44 -37.45 -2.53
N ALA A 395 16.73 -36.56 -3.21
CA ALA A 395 16.25 -35.30 -2.59
C ALA A 395 15.38 -35.61 -1.36
N ARG A 396 14.78 -36.79 -1.27
CA ARG A 396 13.89 -37.14 -0.14
C ARG A 396 14.67 -37.42 1.14
N ASP A 397 15.97 -37.73 1.03
CA ASP A 397 16.80 -38.05 2.20
C ASP A 397 17.41 -36.76 2.77
N VAL A 398 16.53 -35.88 3.25
N VAL A 398 16.52 -35.88 3.22
CA VAL A 398 16.85 -34.52 3.73
CA VAL A 398 16.79 -34.55 3.80
C VAL A 398 17.29 -34.59 5.19
C VAL A 398 17.42 -34.75 5.16
N ARG A 399 18.38 -33.91 5.51
CA ARG A 399 18.85 -33.80 6.90
C ARG A 399 18.08 -32.70 7.62
N ASP A 400 17.75 -31.59 6.93
CA ASP A 400 17.11 -30.46 7.62
C ASP A 400 16.53 -29.54 6.58
N TYR A 401 15.58 -28.73 6.99
CA TYR A 401 14.96 -27.74 6.10
C TYR A 401 14.78 -26.48 6.95
N ILE A 402 15.40 -25.39 6.52
CA ILE A 402 15.41 -24.11 7.29
C ILE A 402 14.84 -23.04 6.39
N ASP A 403 13.82 -22.31 6.88
CA ASP A 403 13.25 -21.25 6.04
C ASP A 403 12.82 -20.07 6.88
N ARG A 404 12.48 -18.98 6.18
CA ARG A 404 12.06 -17.74 6.83
C ARG A 404 11.06 -17.04 5.93
N ASP A 405 9.88 -16.78 6.47
CA ASP A 405 8.85 -15.95 5.79
C ASP A 405 9.08 -14.51 6.23
N TRP A 406 9.70 -13.73 5.34
CA TRP A 406 10.05 -12.34 5.70
C TRP A 406 8.82 -11.47 5.85
N SER A 407 7.68 -11.88 5.37
CA SER A 407 6.43 -11.12 5.59
C SER A 407 5.98 -11.27 7.04
N ALA A 408 6.34 -12.36 7.71
CA ALA A 408 5.95 -12.60 9.12
C ALA A 408 6.89 -11.90 10.11
N GLU A 409 8.01 -11.37 9.61
CA GLU A 409 8.93 -10.65 10.48
C GLU A 409 8.33 -9.29 10.79
N PRO A 410 7.97 -8.99 12.07
CA PRO A 410 7.34 -7.71 12.34
C PRO A 410 8.24 -6.48 12.00
N TRP A 411 9.56 -6.66 12.00
CA TRP A 411 10.48 -5.54 11.78
C TRP A 411 11.01 -5.54 10.34
N THR A 412 10.38 -6.28 9.46
CA THR A 412 10.60 -6.19 8.01
C THR A 412 9.26 -6.10 7.25
N ARG A 413 8.38 -7.08 7.44
CA ARG A 413 7.03 -7.14 6.78
C ARG A 413 7.17 -7.26 5.26
N GLY A 414 8.16 -8.01 4.79
CA GLY A 414 8.29 -8.42 3.40
C GLY A 414 9.70 -8.20 2.85
N CYS A 415 10.20 -9.19 2.13
CA CYS A 415 11.38 -9.05 1.29
C CYS A 415 11.00 -9.15 -0.18
N TYR A 416 11.89 -8.78 -1.11
CA TYR A 416 13.20 -8.19 -0.83
C TYR A 416 13.09 -6.74 -0.42
N GLY A 417 12.07 -6.07 -0.96
CA GLY A 417 11.89 -4.64 -0.69
C GLY A 417 10.56 -4.18 -1.24
N ALA A 418 10.35 -2.87 -1.22
CA ALA A 418 9.07 -2.31 -1.67
C ALA A 418 9.00 -2.32 -3.19
N HIS A 419 7.77 -2.34 -3.71
CA HIS A 419 7.50 -1.99 -5.12
C HIS A 419 6.39 -0.96 -5.17
N LEU A 420 6.23 -0.33 -6.33
CA LEU A 420 5.19 0.70 -6.47
C LEU A 420 4.25 0.27 -7.56
N PRO A 421 2.94 0.27 -7.21
CA PRO A 421 1.92 -0.03 -8.20
C PRO A 421 1.70 1.11 -9.15
N PRO A 422 0.90 0.89 -10.21
CA PRO A 422 0.59 1.97 -11.11
C PRO A 422 0.05 3.22 -10.41
N GLY A 423 0.60 4.34 -10.82
CA GLY A 423 0.16 5.69 -10.42
C GLY A 423 0.92 6.23 -9.24
N ALA A 424 1.80 5.46 -8.60
CA ALA A 424 2.44 5.84 -7.32
C ALA A 424 3.69 6.69 -7.60
N TRP A 425 4.57 6.27 -8.52
CA TRP A 425 5.83 7.01 -8.71
C TRP A 425 5.58 8.46 -9.08
N THR A 426 4.62 8.80 -9.96
CA THR A 426 4.50 10.18 -10.46
C THR A 426 3.74 11.04 -9.47
N VAL A 427 2.83 10.47 -8.68
CA VAL A 427 1.96 11.30 -7.86
C VAL A 427 2.55 11.42 -6.46
N TYR A 428 3.05 10.32 -5.88
CA TYR A 428 3.50 10.28 -4.47
C TYR A 428 5.03 10.20 -4.42
N GLY A 429 5.63 9.58 -5.43
CA GLY A 429 7.08 9.29 -5.45
C GLY A 429 7.98 10.47 -5.16
N PRO A 430 7.67 11.70 -5.57
CA PRO A 430 8.61 12.81 -5.31
C PRO A 430 8.92 13.04 -3.84
N ALA A 431 8.11 12.50 -2.93
CA ALA A 431 8.34 12.64 -1.46
C ALA A 431 9.33 11.60 -0.94
N LEU A 432 9.84 10.73 -1.80
CA LEU A 432 10.65 9.57 -1.34
C LEU A 432 11.81 9.97 -0.42
N ARG A 433 12.67 10.90 -0.84
CA ARG A 433 13.91 11.18 -0.09
C ARG A 433 13.89 12.52 0.61
N VAL A 434 12.93 13.38 0.31
CA VAL A 434 12.94 14.79 0.80
C VAL A 434 12.88 14.77 2.30
N PRO A 435 13.84 15.40 3.02
CA PRO A 435 13.73 15.43 4.46
C PRO A 435 12.46 16.18 4.89
N VAL A 436 11.94 15.77 6.02
CA VAL A 436 10.76 16.44 6.64
C VAL A 436 11.31 17.14 7.86
N GLY A 437 11.65 18.42 7.71
CA GLY A 437 12.31 19.13 8.80
C GLY A 437 13.62 18.50 9.19
N ARG A 438 13.73 18.04 10.42
CA ARG A 438 14.98 17.48 11.00
C ARG A 438 15.03 15.97 10.78
N VAL A 439 14.07 15.38 10.06
CA VAL A 439 13.98 13.90 9.85
C VAL A 439 14.36 13.54 8.42
N HIS A 440 15.47 12.83 8.26
CA HIS A 440 16.02 12.42 6.96
C HIS A 440 15.75 10.94 6.77
N TRP A 441 15.83 10.51 5.52
CA TRP A 441 15.37 9.15 5.15
C TRP A 441 16.49 8.36 4.49
N ALA A 442 16.65 7.12 4.94
CA ALA A 442 17.57 6.16 4.30
C ALA A 442 16.86 4.82 4.18
N GLY A 443 17.59 3.85 3.65
CA GLY A 443 17.10 2.53 3.32
C GLY A 443 17.24 2.28 1.84
N THR A 444 17.37 1.02 1.49
CA THR A 444 17.63 0.65 0.09
C THR A 444 16.58 1.17 -0.88
N GLU A 445 15.35 1.33 -0.39
CA GLU A 445 14.27 1.88 -1.24
C GLU A 445 14.49 3.36 -1.62
N THR A 446 15.47 4.02 -1.03
CA THR A 446 15.80 5.43 -1.36
C THR A 446 17.08 5.52 -2.20
N ALA A 447 17.72 4.41 -2.49
CA ALA A 447 18.97 4.41 -3.30
C ALA A 447 18.67 4.73 -4.77
N GLU A 448 19.62 5.42 -5.39
CA GLU A 448 19.60 5.62 -6.85
C GLU A 448 20.09 4.36 -7.54
N ARG A 449 21.24 3.79 -7.13
CA ARG A 449 21.83 2.61 -7.77
C ARG A 449 21.69 1.38 -6.86
N TRP A 450 21.40 0.23 -7.47
CA TRP A 450 21.15 -1.04 -6.76
C TRP A 450 20.09 -0.90 -5.68
N THR A 451 19.03 -0.14 -6.01
CA THR A 451 17.87 -0.09 -5.12
C THR A 451 17.31 -1.51 -4.97
N GLY A 452 16.98 -1.85 -3.73
CA GLY A 452 16.50 -3.21 -3.42
C GLY A 452 17.57 -4.14 -2.93
N TYR A 453 18.84 -3.71 -2.94
CA TYR A 453 19.99 -4.58 -2.66
C TYR A 453 20.75 -4.01 -1.48
N ILE A 454 21.64 -4.83 -0.94
CA ILE A 454 22.53 -4.37 0.15
C ILE A 454 23.36 -3.17 -0.34
N ASP A 455 23.84 -3.19 -1.57
CA ASP A 455 24.65 -2.08 -2.10
C ASP A 455 23.86 -0.78 -2.02
N GLY A 456 22.60 -0.81 -2.40
CA GLY A 456 21.73 0.38 -2.36
C GLY A 456 21.50 0.81 -0.93
N ALA A 457 21.35 -0.11 0.01
CA ALA A 457 21.19 0.25 1.43
C ALA A 457 22.41 1.11 1.82
N ILE A 458 23.61 0.67 1.50
CA ILE A 458 24.86 1.40 1.83
C ILE A 458 24.83 2.77 1.18
N GLU A 459 24.50 2.85 -0.11
CA GLU A 459 24.39 4.17 -0.77
C GLU A 459 23.50 5.09 0.06
N SER A 460 22.33 4.63 0.41
CA SER A 460 21.32 5.48 1.05
C SER A 460 21.84 5.99 2.39
N GLY A 461 22.59 5.18 3.12
CA GLY A 461 23.13 5.60 4.42
C GLY A 461 24.22 6.66 4.22
N GLN A 462 25.03 6.50 3.19
CA GLN A 462 26.06 7.54 2.83
C GLN A 462 25.35 8.86 2.54
N ARG A 463 24.27 8.82 1.75
CA ARG A 463 23.61 10.04 1.27
C ARG A 463 22.98 10.71 2.48
N ALA A 464 22.24 9.96 3.32
CA ALA A 464 21.52 10.56 4.45
C ALA A 464 22.55 11.18 5.41
N ALA A 465 23.64 10.48 5.68
CA ALA A 465 24.68 11.01 6.58
C ALA A 465 25.19 12.34 6.01
N ALA A 466 25.45 12.39 4.72
CA ALA A 466 26.01 13.64 4.10
C ALA A 466 24.99 14.77 4.26
N GLU A 467 23.68 14.48 4.10
CA GLU A 467 22.61 15.48 4.31
C GLU A 467 22.65 16.00 5.72
N VAL A 468 22.68 15.13 6.69
CA VAL A 468 22.60 15.50 8.10
C VAL A 468 23.86 16.28 8.45
N LEU A 469 25.01 15.82 7.97
CA LEU A 469 26.26 16.52 8.40
C LEU A 469 26.25 17.94 7.86
N ALA A 470 25.74 18.14 6.64
CA ALA A 470 25.67 19.50 6.05
C ALA A 470 24.66 20.32 6.84
N ALA A 471 23.56 19.76 7.28
CA ALA A 471 22.51 20.48 8.04
C ALA A 471 22.98 20.88 9.43
N LEU A 472 23.72 20.03 10.13
CA LEU A 472 24.20 20.35 11.50
C LEU A 472 25.23 21.52 11.41
N GLY A 473 25.98 21.64 10.31
CA GLY A 473 27.07 22.63 10.08
C GLY A 473 26.60 24.01 9.62
N SER B 24 -6.19 -1.72 36.32
CA SER B 24 -6.74 -1.03 35.11
C SER B 24 -8.20 -1.48 34.87
N GLU B 25 -9.01 -0.64 34.23
CA GLU B 25 -10.42 -0.96 33.88
C GLU B 25 -10.50 -2.25 33.07
N GLN B 26 -11.56 -3.00 33.30
CA GLN B 26 -11.88 -4.28 32.67
C GLN B 26 -13.29 -4.15 32.07
N VAL B 27 -13.48 -4.48 30.81
CA VAL B 27 -14.81 -4.48 30.14
C VAL B 27 -14.93 -5.70 29.24
N ASP B 28 -16.12 -6.00 28.81
CA ASP B 28 -16.33 -7.12 27.88
C ASP B 28 -15.64 -6.77 26.54
N VAL B 29 -15.97 -5.60 25.98
CA VAL B 29 -15.60 -5.27 24.58
C VAL B 29 -14.99 -3.87 24.54
N VAL B 30 -13.84 -3.73 23.87
CA VAL B 30 -13.30 -2.40 23.56
C VAL B 30 -13.44 -2.20 22.06
N VAL B 31 -14.02 -1.08 21.68
CA VAL B 31 -14.16 -0.69 20.25
C VAL B 31 -13.16 0.44 20.00
N VAL B 32 -12.32 0.25 19.00
CA VAL B 32 -11.32 1.27 18.62
C VAL B 32 -11.92 2.05 17.45
N GLY B 33 -12.25 3.31 17.69
CA GLY B 33 -12.81 4.22 16.68
C GLY B 33 -14.29 4.48 16.85
N ALA B 34 -14.65 5.76 16.77
CA ALA B 34 -16.03 6.21 16.92
C ALA B 34 -16.51 6.86 15.62
N GLY B 35 -16.22 6.27 14.48
CA GLY B 35 -16.95 6.51 13.24
C GLY B 35 -18.26 5.74 13.29
N PHE B 36 -19.02 5.78 12.20
CA PHE B 36 -20.31 5.03 12.13
C PHE B 36 -20.09 3.55 12.41
N ALA B 37 -18.98 2.96 11.99
CA ALA B 37 -18.79 1.50 12.19
C ALA B 37 -18.59 1.24 13.69
N GLY B 38 -17.67 1.93 14.34
CA GLY B 38 -17.37 1.71 15.75
C GLY B 38 -18.61 1.98 16.59
N LEU B 39 -19.25 3.11 16.35
CA LEU B 39 -20.40 3.49 17.18
C LEU B 39 -21.54 2.50 16.96
N THR B 40 -21.78 2.06 15.75
CA THR B 40 -22.81 1.02 15.48
C THR B 40 -22.51 -0.24 16.29
N ALA B 41 -21.27 -0.69 16.21
CA ALA B 41 -20.86 -1.87 16.96
C ALA B 41 -21.05 -1.67 18.46
N ALA B 42 -20.57 -0.58 19.01
CA ALA B 42 -20.61 -0.32 20.47
C ALA B 42 -22.09 -0.32 20.90
N ARG B 43 -22.93 0.33 20.12
CA ARG B 43 -24.38 0.41 20.55
C ARG B 43 -24.94 -1.00 20.57
N ALA B 44 -24.65 -1.82 19.57
CA ALA B 44 -25.21 -3.20 19.50
C ALA B 44 -24.71 -4.01 20.69
N VAL B 45 -23.45 -3.90 21.03
CA VAL B 45 -22.85 -4.63 22.17
C VAL B 45 -23.53 -4.16 23.46
N HIS B 46 -23.70 -2.86 23.62
CA HIS B 46 -24.34 -2.28 24.82
C HIS B 46 -25.75 -2.81 24.93
N GLU B 47 -26.51 -2.80 23.85
CA GLU B 47 -27.95 -3.16 23.87
C GLU B 47 -28.12 -4.66 24.10
N ALA B 48 -27.11 -5.47 23.83
CA ALA B 48 -27.07 -6.89 24.20
C ALA B 48 -26.71 -7.12 25.66
N GLY B 49 -26.38 -6.11 26.46
CA GLY B 49 -26.05 -6.24 27.89
C GLY B 49 -24.57 -6.42 28.22
N ARG B 50 -23.66 -6.24 27.26
CA ARG B 50 -22.21 -6.31 27.56
C ARG B 50 -21.64 -4.93 27.89
N SER B 51 -20.62 -4.87 28.73
CA SER B 51 -19.89 -3.64 29.04
C SER B 51 -19.03 -3.32 27.81
N VAL B 52 -18.93 -2.04 27.46
CA VAL B 52 -18.19 -1.64 26.23
C VAL B 52 -17.52 -0.32 26.50
N LEU B 53 -16.31 -0.12 26.00
CA LEU B 53 -15.67 1.20 25.99
C LEU B 53 -15.34 1.47 24.52
N VAL B 54 -15.46 2.72 24.13
CA VAL B 54 -15.15 3.16 22.75
C VAL B 54 -14.00 4.13 22.88
N LEU B 55 -12.84 3.80 22.32
CA LEU B 55 -11.65 4.65 22.44
C LEU B 55 -11.47 5.36 21.10
N GLU B 56 -11.58 6.68 21.08
CA GLU B 56 -11.55 7.48 19.83
C GLU B 56 -10.39 8.46 19.91
N ALA B 57 -9.55 8.51 18.88
CA ALA B 57 -8.35 9.36 18.83
C ALA B 57 -8.70 10.85 18.84
N ARG B 58 -9.70 11.23 18.06
CA ARG B 58 -10.06 12.66 17.91
C ARG B 58 -10.87 13.17 19.11
N ASP B 59 -11.02 14.49 19.17
CA ASP B 59 -11.89 15.14 20.17
C ASP B 59 -13.36 15.16 19.76
N ARG B 60 -13.77 14.29 18.88
CA ARG B 60 -15.14 14.23 18.35
C ARG B 60 -15.40 12.83 17.85
N VAL B 61 -16.65 12.52 17.66
CA VAL B 61 -17.07 11.34 16.91
C VAL B 61 -17.29 11.70 15.44
N GLY B 62 -17.51 10.68 14.63
CA GLY B 62 -17.99 10.78 13.23
C GLY B 62 -16.91 10.39 12.21
N GLY B 63 -15.63 10.53 12.57
CA GLY B 63 -14.51 10.05 11.72
C GLY B 63 -14.46 10.73 10.35
N ARG B 64 -14.72 9.99 9.28
CA ARG B 64 -14.75 10.48 7.88
C ARG B 64 -16.02 11.29 7.62
N THR B 65 -16.92 11.38 8.60
CA THR B 65 -17.99 12.41 8.60
C THR B 65 -17.61 13.46 9.61
N CYS B 66 -17.83 14.72 9.24
CA CYS B 66 -17.34 15.87 10.03
C CYS B 66 -18.17 17.08 9.62
N THR B 67 -18.79 17.73 10.59
CA THR B 67 -19.68 18.88 10.30
C THR B 67 -19.24 20.04 11.15
N GLU B 68 -19.09 21.21 10.52
CA GLU B 68 -18.79 22.48 11.21
C GLU B 68 -19.88 23.47 10.86
N GLU B 69 -20.14 24.37 11.78
CA GLU B 69 -21.14 25.45 11.57
C GLU B 69 -20.41 26.67 11.03
N HIS B 70 -20.79 27.13 9.86
CA HIS B 70 -20.23 28.38 9.28
C HIS B 70 -21.36 29.12 8.57
N HIS B 71 -21.36 30.46 8.61
CA HIS B 71 -22.32 31.27 7.82
C HIS B 71 -23.76 30.89 8.16
N GLY B 72 -23.98 30.42 9.39
CA GLY B 72 -25.33 30.09 9.88
C GLY B 72 -25.89 28.79 9.33
N THR B 73 -25.05 27.89 8.83
CA THR B 73 -25.52 26.58 8.29
C THR B 73 -24.45 25.53 8.53
N TRP B 74 -24.79 24.33 8.14
CA TRP B 74 -23.87 23.17 8.35
C TRP B 74 -22.97 23.03 7.12
N ILE B 75 -21.72 22.73 7.41
CA ILE B 75 -20.70 22.39 6.37
C ILE B 75 -20.23 20.96 6.61
N ASP B 76 -20.63 20.08 5.71
CA ASP B 76 -20.20 18.67 5.78
C ASP B 76 -18.83 18.60 5.07
N LEU B 77 -17.76 18.53 5.88
CA LEU B 77 -16.38 18.41 5.33
C LEU B 77 -16.07 16.99 4.95
N GLY B 78 -16.79 16.03 5.53
CA GLY B 78 -16.66 14.62 5.17
C GLY B 78 -17.92 14.14 4.47
N GLY B 79 -18.26 12.86 4.66
CA GLY B 79 -19.43 12.25 4.02
C GLY B 79 -20.72 13.02 4.28
N GLN B 80 -21.51 13.18 3.23
CA GLN B 80 -22.71 14.08 3.30
C GLN B 80 -23.93 13.43 2.66
N TRP B 81 -23.82 12.58 1.62
CA TRP B 81 -24.99 12.12 0.85
C TRP B 81 -25.45 10.74 1.31
N ILE B 82 -26.75 10.51 1.22
CA ILE B 82 -27.33 9.16 1.27
C ILE B 82 -28.29 9.01 0.10
N GLY B 83 -28.57 7.79 -0.30
CA GLY B 83 -29.35 7.55 -1.51
C GLY B 83 -30.21 6.32 -1.36
N PRO B 84 -31.09 6.08 -2.35
CA PRO B 84 -31.90 4.88 -2.36
C PRO B 84 -31.07 3.60 -2.43
N GLY B 85 -31.49 2.64 -1.63
CA GLY B 85 -30.77 1.35 -1.50
C GLY B 85 -29.82 1.33 -0.35
N GLN B 86 -29.54 2.49 0.27
CA GLN B 86 -28.73 2.56 1.50
C GLN B 86 -29.70 2.48 2.69
N ASP B 87 -30.14 1.26 2.97
CA ASP B 87 -31.28 1.07 3.92
C ASP B 87 -30.84 1.26 5.37
N ARG B 88 -29.56 1.03 5.70
CA ARG B 88 -29.10 1.06 7.10
C ARG B 88 -28.99 2.52 7.54
N VAL B 89 -28.34 3.37 6.72
CA VAL B 89 -28.19 4.79 7.13
C VAL B 89 -29.57 5.47 7.11
N ALA B 90 -30.45 5.08 6.20
CA ALA B 90 -31.80 5.69 6.14
C ALA B 90 -32.54 5.27 7.42
N ALA B 91 -32.48 4.00 7.83
CA ALA B 91 -33.15 3.55 9.08
C ALA B 91 -32.57 4.29 10.29
N LEU B 92 -31.23 4.50 10.36
CA LEU B 92 -30.61 5.15 11.52
C LEU B 92 -31.08 6.61 11.59
N ALA B 93 -31.05 7.32 10.46
CA ALA B 93 -31.46 8.74 10.43
C ALA B 93 -32.91 8.82 10.95
N ALA B 94 -33.78 7.96 10.45
CA ALA B 94 -35.21 7.96 10.89
C ALA B 94 -35.29 7.66 12.38
N GLU B 95 -34.54 6.70 12.87
CA GLU B 95 -34.58 6.28 14.29
C GLU B 95 -34.14 7.45 15.17
N LEU B 96 -33.13 8.22 14.77
CA LEU B 96 -32.49 9.20 15.68
C LEU B 96 -33.01 10.59 15.33
N GLY B 97 -34.02 10.64 14.48
CA GLY B 97 -34.81 11.85 14.18
C GLY B 97 -34.05 12.91 13.39
N VAL B 98 -33.21 12.49 12.45
CA VAL B 98 -32.51 13.40 11.50
C VAL B 98 -33.25 13.34 10.17
N GLU B 99 -33.74 14.49 9.70
CA GLU B 99 -34.52 14.61 8.47
C GLU B 99 -33.55 14.71 7.29
N THR B 100 -34.02 14.37 6.13
CA THR B 100 -33.28 14.57 4.87
C THR B 100 -33.80 15.80 4.14
N TYR B 101 -32.98 16.30 3.23
CA TYR B 101 -33.40 17.22 2.17
C TYR B 101 -32.79 16.74 0.87
N PRO B 102 -33.46 16.96 -0.26
CA PRO B 102 -32.95 16.48 -1.53
C PRO B 102 -31.79 17.35 -2.03
N GLN B 103 -30.80 16.69 -2.60
CA GLN B 103 -29.82 17.37 -3.47
C GLN B 103 -30.56 18.06 -4.62
N PRO B 104 -30.32 19.39 -4.78
CA PRO B 104 -30.86 20.12 -5.93
C PRO B 104 -30.48 19.45 -7.24
N THR B 105 -31.45 19.30 -8.13
CA THR B 105 -31.31 18.57 -9.43
C THR B 105 -31.52 19.48 -10.64
N GLU B 106 -32.22 20.59 -10.45
CA GLU B 106 -32.76 21.35 -11.60
C GLU B 106 -31.73 22.36 -12.05
N GLY B 107 -31.91 22.84 -13.28
CA GLY B 107 -30.99 23.75 -13.98
C GLY B 107 -30.06 23.04 -14.92
N ASP B 108 -29.41 23.82 -15.77
CA ASP B 108 -28.43 23.26 -16.72
C ASP B 108 -27.10 22.97 -16.01
N ASP B 109 -26.60 21.78 -16.25
CA ASP B 109 -25.20 21.40 -15.92
C ASP B 109 -24.31 22.03 -16.99
N VAL B 110 -23.04 22.24 -16.65
CA VAL B 110 -22.02 22.77 -17.60
C VAL B 110 -20.95 21.71 -17.78
N VAL B 111 -20.64 21.41 -19.03
CA VAL B 111 -19.59 20.40 -19.35
C VAL B 111 -18.51 21.15 -20.11
N LEU B 112 -17.29 21.07 -19.61
CA LEU B 112 -16.13 21.69 -20.31
C LEU B 112 -15.19 20.57 -20.68
N PHE B 113 -15.16 20.23 -21.96
CA PHE B 113 -14.29 19.14 -22.49
C PHE B 113 -12.87 19.69 -22.67
N GLY B 114 -11.95 18.78 -22.97
CA GLY B 114 -10.51 19.11 -23.19
C GLY B 114 -10.35 20.14 -24.29
N ASP B 115 -11.27 20.19 -25.26
CA ASP B 115 -11.28 21.24 -26.33
C ASP B 115 -12.64 21.95 -26.32
N GLY B 116 -12.68 23.17 -26.86
CA GLY B 116 -13.91 23.94 -27.08
C GLY B 116 -14.34 24.71 -25.85
N GLU B 117 -15.44 25.44 -26.04
CA GLU B 117 -16.13 26.26 -25.04
C GLU B 117 -16.92 25.34 -24.10
N PRO B 118 -17.27 25.84 -22.91
CA PRO B 118 -18.21 25.12 -22.04
C PRO B 118 -19.60 25.02 -22.69
N GLN B 119 -20.24 23.88 -22.48
CA GLN B 119 -21.59 23.56 -23.03
C GLN B 119 -22.57 23.46 -21.85
N ARG B 120 -23.72 24.12 -21.95
CA ARG B 120 -24.84 23.99 -20.99
C ARG B 120 -25.76 22.89 -21.49
N ALA B 121 -26.21 22.01 -20.63
CA ALA B 121 -27.20 20.98 -20.98
C ALA B 121 -28.06 20.67 -19.76
N PRO B 122 -29.37 20.43 -19.96
CA PRO B 122 -30.25 20.01 -18.87
C PRO B 122 -29.70 18.80 -18.09
N ASP B 123 -28.99 17.91 -18.76
CA ASP B 123 -28.24 16.84 -18.10
C ASP B 123 -26.91 16.73 -18.84
N VAL B 124 -25.92 16.28 -18.11
CA VAL B 124 -24.53 16.09 -18.61
C VAL B 124 -24.59 15.24 -19.88
N ALA B 125 -25.41 14.19 -19.92
CA ALA B 125 -25.45 13.21 -21.02
C ALA B 125 -25.82 13.89 -22.35
N LEU B 126 -26.52 15.02 -22.29
CA LEU B 126 -26.89 15.77 -23.51
C LEU B 126 -25.66 16.48 -24.09
N ALA B 127 -24.54 16.55 -23.36
CA ALA B 127 -23.31 17.15 -23.89
C ALA B 127 -22.58 16.16 -24.78
N PHE B 128 -22.96 14.89 -24.76
CA PHE B 128 -22.39 13.82 -25.60
C PHE B 128 -23.15 13.79 -26.94
N SER B 129 -22.46 13.36 -27.98
CA SER B 129 -23.07 12.94 -29.26
C SER B 129 -23.85 11.66 -29.01
N ASP B 130 -24.69 11.27 -29.96
CA ASP B 130 -25.34 9.94 -29.88
C ASP B 130 -24.33 8.78 -29.87
N GLU B 131 -23.32 8.78 -30.71
CA GLU B 131 -22.28 7.73 -30.74
C GLU B 131 -21.66 7.67 -29.32
N GLU B 132 -21.37 8.85 -28.77
CA GLU B 132 -20.68 8.93 -27.46
C GLU B 132 -21.57 8.39 -26.35
N LEU B 133 -22.82 8.83 -26.24
CA LEU B 133 -23.72 8.36 -25.18
C LEU B 133 -23.93 6.83 -25.29
N THR B 134 -24.14 6.31 -26.49
CA THR B 134 -24.29 4.84 -26.71
C THR B 134 -23.05 4.11 -26.19
N ALA B 135 -21.86 4.60 -26.53
CA ALA B 135 -20.57 4.01 -26.08
C ALA B 135 -20.50 4.08 -24.54
N TYR B 136 -20.83 5.21 -23.93
CA TYR B 136 -20.81 5.32 -22.44
C TYR B 136 -21.76 4.31 -21.79
N LEU B 137 -23.01 4.23 -22.23
CA LEU B 137 -23.97 3.26 -21.64
C LEU B 137 -23.52 1.83 -21.89
N GLU B 138 -22.90 1.52 -23.04
CA GLU B 138 -22.42 0.14 -23.31
C GLU B 138 -21.23 -0.16 -22.38
N LEU B 139 -20.41 0.84 -22.11
CA LEU B 139 -19.23 0.62 -21.23
C LEU B 139 -19.75 0.35 -19.82
N ALA B 140 -20.68 1.17 -19.33
CA ALA B 140 -21.26 1.01 -17.98
C ALA B 140 -21.95 -0.36 -17.88
N GLY B 141 -22.67 -0.78 -18.91
CA GLY B 141 -23.36 -2.08 -18.93
C GLY B 141 -22.35 -3.21 -18.89
N ALA B 142 -21.25 -3.10 -19.61
CA ALA B 142 -20.22 -4.16 -19.66
C ALA B 142 -19.56 -4.29 -18.28
N LEU B 143 -19.28 -3.15 -17.66
CA LEU B 143 -18.71 -3.14 -16.29
C LEU B 143 -19.68 -3.80 -15.29
N GLU B 144 -20.95 -3.51 -15.41
CA GLU B 144 -21.99 -4.08 -14.54
C GLU B 144 -22.06 -5.59 -14.70
N ALA B 145 -21.91 -6.10 -15.90
CA ALA B 145 -22.00 -7.57 -16.13
C ALA B 145 -20.84 -8.26 -15.43
N ILE B 146 -19.62 -7.69 -15.50
CA ILE B 146 -18.46 -8.22 -14.73
C ILE B 146 -18.78 -8.11 -13.25
N ALA B 147 -19.21 -6.93 -12.82
CA ALA B 147 -19.46 -6.63 -11.41
C ALA B 147 -20.40 -7.68 -10.77
N GLU B 148 -21.47 -8.02 -11.48
CA GLU B 148 -22.47 -8.95 -10.92
C GLU B 148 -21.84 -10.33 -10.66
N LYS B 149 -20.78 -10.67 -11.40
CA LYS B 149 -20.11 -11.97 -11.24
C LYS B 149 -19.16 -11.97 -10.04
N VAL B 150 -18.93 -10.83 -9.43
CA VAL B 150 -17.95 -10.71 -8.32
C VAL B 150 -18.67 -10.91 -7.00
N PRO B 151 -18.46 -12.00 -6.26
CA PRO B 151 -19.22 -12.20 -5.02
C PRO B 151 -18.96 -11.07 -4.01
N LEU B 152 -19.98 -10.57 -3.39
CA LEU B 152 -19.82 -9.38 -2.50
C LEU B 152 -19.02 -9.76 -1.27
N ASP B 153 -19.10 -11.02 -0.81
CA ASP B 153 -18.42 -11.46 0.43
C ASP B 153 -17.01 -11.98 0.14
N ALA B 154 -16.66 -12.17 -1.13
CA ALA B 154 -15.41 -12.89 -1.50
C ALA B 154 -15.08 -12.59 -2.95
N PRO B 155 -14.58 -11.38 -3.25
CA PRO B 155 -14.28 -11.02 -4.63
C PRO B 155 -13.26 -11.96 -5.27
N TRP B 156 -12.39 -12.53 -4.43
CA TRP B 156 -11.36 -13.50 -4.85
C TRP B 156 -11.97 -14.80 -5.37
N LEU B 157 -13.29 -15.02 -5.18
CA LEU B 157 -13.95 -16.25 -5.69
C LEU B 157 -14.69 -15.98 -6.99
N ALA B 158 -14.59 -14.79 -7.57
CA ALA B 158 -15.11 -14.51 -8.92
C ALA B 158 -14.55 -15.57 -9.87
N PRO B 159 -15.32 -16.00 -10.89
CA PRO B 159 -14.86 -17.05 -11.79
C PRO B 159 -13.55 -16.67 -12.50
N GLU B 160 -13.43 -15.41 -12.88
CA GLU B 160 -12.24 -14.87 -13.61
C GLU B 160 -11.46 -13.95 -12.68
N ALA B 161 -11.44 -14.28 -11.39
CA ALA B 161 -10.78 -13.39 -10.41
C ALA B 161 -9.33 -13.15 -10.82
N ALA B 162 -8.58 -14.18 -11.15
CA ALA B 162 -7.12 -13.97 -11.39
C ALA B 162 -6.94 -12.96 -12.54
N ALA B 163 -7.66 -13.12 -13.66
CA ALA B 163 -7.52 -12.23 -14.83
C ALA B 163 -8.00 -10.82 -14.48
N TRP B 164 -9.12 -10.72 -13.80
CA TRP B 164 -9.68 -9.40 -13.46
C TRP B 164 -8.81 -8.69 -12.43
N ASP B 165 -8.20 -9.44 -11.54
CA ASP B 165 -7.31 -8.83 -10.52
C ASP B 165 -5.99 -8.39 -11.16
N ALA B 166 -5.59 -8.96 -12.29
CA ALA B 166 -4.31 -8.69 -12.98
C ALA B 166 -4.43 -7.52 -13.93
N THR B 167 -5.61 -6.91 -14.10
CA THR B 167 -5.85 -5.85 -15.07
C THR B 167 -6.23 -4.58 -14.32
N THR B 168 -5.75 -3.41 -14.70
CA THR B 168 -6.28 -2.16 -14.16
C THR B 168 -7.62 -1.81 -14.80
N LEU B 169 -8.40 -0.98 -14.11
CA LEU B 169 -9.66 -0.54 -14.74
C LEU B 169 -9.33 0.21 -16.03
N ARG B 170 -8.23 0.97 -16.04
CA ARG B 170 -7.88 1.77 -17.22
C ARG B 170 -7.60 0.87 -18.41
N GLU B 171 -6.83 -0.17 -18.22
CA GLU B 171 -6.52 -1.12 -19.31
C GLU B 171 -7.83 -1.68 -19.89
N TRP B 172 -8.74 -2.08 -18.99
CA TRP B 172 -10.07 -2.60 -19.38
C TRP B 172 -10.81 -1.54 -20.22
N VAL B 173 -10.82 -0.30 -19.81
CA VAL B 173 -11.50 0.78 -20.58
C VAL B 173 -10.84 0.88 -21.95
N ALA B 174 -9.51 0.92 -22.01
CA ALA B 174 -8.76 1.08 -23.27
C ALA B 174 -9.17 -0.06 -24.21
N GLY B 175 -9.41 -1.27 -23.70
CA GLY B 175 -9.72 -2.44 -24.52
C GLY B 175 -11.09 -2.36 -25.16
N THR B 176 -11.94 -1.46 -24.68
CA THR B 176 -13.35 -1.37 -25.16
C THR B 176 -13.41 -0.52 -26.44
N GLY B 177 -12.42 0.33 -26.65
CA GLY B 177 -12.34 1.18 -27.85
C GLY B 177 -13.29 2.35 -27.81
N VAL B 178 -13.79 2.78 -26.66
CA VAL B 178 -14.69 3.98 -26.60
C VAL B 178 -13.98 5.23 -27.08
N PRO B 179 -14.74 6.24 -27.56
CA PRO B 179 -14.19 7.55 -27.94
C PRO B 179 -13.49 8.28 -26.79
N ASP B 180 -12.58 9.21 -27.13
CA ASP B 180 -11.84 10.03 -26.13
C ASP B 180 -12.77 10.74 -25.15
N ARG B 181 -13.86 11.38 -25.58
CA ARG B 181 -14.72 12.15 -24.68
C ARG B 181 -15.41 11.16 -23.72
N VAL B 182 -15.62 9.94 -24.19
CA VAL B 182 -16.30 8.92 -23.34
C VAL B 182 -15.31 8.46 -22.26
N ALA B 183 -14.10 8.12 -22.65
CA ALA B 183 -13.04 7.73 -21.67
C ALA B 183 -12.89 8.89 -20.68
N GLY B 184 -12.91 10.13 -21.16
CA GLY B 184 -12.68 11.32 -20.35
C GLY B 184 -13.76 11.49 -19.29
N LEU B 185 -15.03 11.44 -19.70
CA LEU B 185 -16.16 11.61 -18.73
C LEU B 185 -16.23 10.40 -17.79
N PHE B 186 -15.95 9.21 -18.28
CA PHE B 186 -15.90 7.98 -17.42
C PHE B 186 -14.79 8.21 -16.39
N GLU B 187 -13.63 8.69 -16.82
CA GLU B 187 -12.56 9.01 -15.83
C GLU B 187 -12.99 10.01 -14.76
N VAL B 188 -13.74 11.06 -15.08
CA VAL B 188 -14.25 11.98 -14.04
C VAL B 188 -15.09 11.23 -13.03
N ALA B 189 -15.96 10.34 -13.50
CA ALA B 189 -16.86 9.57 -12.62
C ALA B 189 -16.02 8.61 -11.75
N VAL B 190 -15.07 7.93 -12.37
CA VAL B 190 -14.16 7.02 -11.63
C VAL B 190 -13.47 7.82 -10.52
N GLN B 191 -12.89 8.98 -10.84
CA GLN B 191 -12.14 9.72 -9.81
C GLN B 191 -13.10 10.29 -8.76
N ALA B 192 -14.33 10.65 -9.11
CA ALA B 192 -15.29 11.17 -8.12
C ALA B 192 -15.81 10.04 -7.20
N VAL B 193 -15.85 8.81 -7.68
CA VAL B 193 -16.37 7.67 -6.89
C VAL B 193 -15.24 7.05 -6.07
N PHE B 194 -14.02 6.93 -6.64
CA PHE B 194 -12.92 6.16 -6.00
C PHE B 194 -11.87 7.06 -5.35
N ALA B 195 -11.82 8.35 -5.68
CA ALA B 195 -10.73 9.26 -5.20
C ALA B 195 -9.38 8.69 -5.65
N ALA B 196 -9.36 8.12 -6.83
CA ALA B 196 -8.23 7.40 -7.42
C ALA B 196 -8.48 7.29 -8.92
N THR B 197 -7.43 7.24 -9.69
CA THR B 197 -7.52 7.14 -11.17
C THR B 197 -7.80 5.69 -11.54
N SER B 198 -8.32 5.51 -12.74
CA SER B 198 -8.57 4.17 -13.28
C SER B 198 -7.28 3.37 -13.41
N ALA B 199 -6.12 3.99 -13.50
CA ALA B 199 -4.85 3.24 -13.55
C ALA B 199 -4.52 2.63 -12.18
N GLN B 200 -4.95 3.27 -11.10
CA GLN B 200 -4.61 2.86 -9.72
C GLN B 200 -5.39 1.60 -9.31
N LEU B 201 -6.61 1.44 -9.85
CA LEU B 201 -7.59 0.42 -9.39
C LEU B 201 -7.46 -0.89 -10.18
N SER B 202 -7.49 -2.06 -9.52
CA SER B 202 -7.75 -3.30 -10.26
C SER B 202 -9.18 -3.29 -10.81
N LEU B 203 -9.35 -3.91 -11.96
CA LEU B 203 -10.70 -4.16 -12.51
C LEU B 203 -11.53 -4.93 -11.47
N LEU B 204 -10.96 -5.95 -10.82
CA LEU B 204 -11.71 -6.71 -9.80
C LEU B 204 -12.19 -5.78 -8.68
N HIS B 205 -11.35 -4.87 -8.20
CA HIS B 205 -11.74 -3.93 -7.13
C HIS B 205 -12.91 -3.06 -7.62
N ALA B 206 -12.77 -2.45 -8.79
CA ALA B 206 -13.81 -1.55 -9.31
C ALA B 206 -15.09 -2.36 -9.46
N ALA B 207 -14.99 -3.56 -10.00
CA ALA B 207 -16.20 -4.38 -10.28
C ALA B 207 -16.89 -4.77 -8.98
N HIS B 208 -16.14 -5.15 -7.96
CA HIS B 208 -16.72 -5.44 -6.63
C HIS B 208 -17.46 -4.21 -6.11
N TYR B 209 -16.86 -3.01 -6.22
CA TYR B 209 -17.44 -1.77 -5.68
C TYR B 209 -18.75 -1.46 -6.40
N VAL B 210 -18.79 -1.67 -7.71
CA VAL B 210 -20.01 -1.43 -8.49
C VAL B 210 -21.06 -2.44 -8.02
N HIS B 211 -20.72 -3.69 -7.85
CA HIS B 211 -21.72 -4.71 -7.40
C HIS B 211 -22.23 -4.30 -6.02
N SER B 212 -21.34 -3.92 -5.12
CA SER B 212 -21.66 -3.55 -3.75
C SER B 212 -22.69 -2.43 -3.73
N ALA B 213 -22.57 -1.47 -4.64
CA ALA B 213 -23.46 -0.29 -4.70
C ALA B 213 -24.76 -0.62 -5.44
N GLY B 214 -24.78 -1.67 -6.23
CA GLY B 214 -25.97 -1.99 -7.03
C GLY B 214 -25.90 -1.41 -8.41
N GLY B 215 -24.73 -1.06 -8.96
CA GLY B 215 -24.60 -0.64 -10.34
C GLY B 215 -23.97 0.72 -10.52
N TRP B 216 -23.62 1.02 -11.76
CA TRP B 216 -22.93 2.28 -12.13
C TRP B 216 -23.86 3.47 -11.90
N SER B 217 -25.13 3.39 -12.29
CA SER B 217 -26.12 4.47 -12.01
C SER B 217 -26.20 4.76 -10.52
N LYS B 218 -26.26 3.73 -9.66
CA LYS B 218 -26.39 3.92 -8.20
C LYS B 218 -25.21 4.77 -7.73
N LEU B 219 -24.03 4.54 -8.28
CA LEU B 219 -22.84 5.31 -7.86
C LEU B 219 -22.87 6.74 -8.39
N THR B 220 -23.33 6.96 -9.63
CA THR B 220 -23.09 8.26 -10.33
C THR B 220 -24.32 9.16 -10.35
N ASP B 221 -25.52 8.63 -10.13
CA ASP B 221 -26.76 9.43 -10.28
C ASP B 221 -26.98 10.26 -9.02
N THR B 222 -27.67 11.39 -9.21
CA THR B 222 -28.20 12.18 -8.10
C THR B 222 -29.61 11.64 -7.82
N GLU B 223 -30.60 12.02 -8.63
CA GLU B 223 -31.92 11.38 -8.45
C GLU B 223 -31.75 9.87 -8.71
N GLY B 224 -32.11 9.06 -7.73
CA GLY B 224 -32.10 7.60 -7.90
C GLY B 224 -30.77 6.99 -7.58
N GLY B 225 -29.83 7.80 -7.12
CA GLY B 225 -28.49 7.29 -6.80
C GLY B 225 -27.88 7.88 -5.56
N ALA B 226 -26.59 7.65 -5.37
CA ALA B 226 -25.94 7.85 -4.06
C ALA B 226 -25.94 9.32 -3.63
N GLN B 227 -26.11 10.26 -4.55
CA GLN B 227 -26.07 11.71 -4.26
C GLN B 227 -27.50 12.25 -4.15
N GLN B 228 -28.48 11.39 -3.87
CA GLN B 228 -29.89 11.87 -3.94
C GLN B 228 -30.20 12.82 -2.80
N ASP B 229 -29.78 12.51 -1.56
CA ASP B 229 -30.29 13.19 -0.35
C ASP B 229 -29.15 13.63 0.57
N ARG B 230 -29.37 14.72 1.28
CA ARG B 230 -28.53 15.22 2.36
C ARG B 230 -29.27 15.09 3.70
N LEU B 231 -28.57 15.34 4.79
CA LEU B 231 -29.14 15.33 6.14
C LEU B 231 -29.22 16.79 6.66
N VAL B 232 -30.41 17.18 7.12
CA VAL B 232 -30.60 18.54 7.68
C VAL B 232 -29.74 18.64 8.94
N GLY B 233 -28.85 19.61 9.02
CA GLY B 233 -27.88 19.78 10.11
C GLY B 233 -26.54 19.08 9.87
N GLY B 234 -26.47 18.28 8.81
CA GLY B 234 -25.20 17.57 8.49
C GLY B 234 -25.13 16.20 9.13
N VAL B 235 -24.03 15.50 8.80
CA VAL B 235 -23.91 14.09 9.22
C VAL B 235 -23.30 13.92 10.60
N GLN B 236 -22.31 14.70 10.98
CA GLN B 236 -21.69 14.47 12.31
C GLN B 236 -22.76 14.49 13.44
N PRO B 237 -23.77 15.35 13.43
CA PRO B 237 -24.81 15.27 14.46
C PRO B 237 -25.49 13.91 14.54
N LEU B 238 -25.63 13.22 13.41
CA LEU B 238 -26.23 11.86 13.42
C LEU B 238 -25.29 10.95 14.23
N ALA B 239 -24.00 11.03 13.97
CA ALA B 239 -23.05 10.22 14.73
C ALA B 239 -23.11 10.56 16.21
N GLU B 240 -23.25 11.84 16.54
CA GLU B 240 -23.32 12.28 17.94
C GLU B 240 -24.60 11.74 18.58
N ARG B 241 -25.71 11.71 17.85
CA ARG B 241 -26.95 11.12 18.42
C ARG B 241 -26.75 9.62 18.66
N LEU B 242 -26.06 8.94 17.74
CA LEU B 242 -25.81 7.49 17.91
C LEU B 242 -24.89 7.30 19.13
N ALA B 243 -23.84 8.11 19.31
CA ALA B 243 -22.96 8.04 20.48
C ALA B 243 -23.77 8.25 21.77
N ALA B 244 -24.82 9.10 21.73
CA ALA B 244 -25.60 9.44 22.92
C ALA B 244 -26.44 8.22 23.33
N ARG B 245 -26.55 7.16 22.51
CA ARG B 245 -27.23 5.90 22.90
C ARG B 245 -26.31 5.06 23.81
N LEU B 246 -25.04 5.41 23.96
CA LEU B 246 -24.13 4.68 24.88
C LEU B 246 -24.30 5.21 26.28
N PRO B 247 -24.03 4.37 27.29
CA PRO B 247 -24.08 4.87 28.66
C PRO B 247 -22.95 5.84 28.94
N ASP B 248 -23.17 6.71 29.92
CA ASP B 248 -22.17 7.69 30.38
C ASP B 248 -20.84 6.98 30.67
N GLY B 249 -19.72 7.52 30.23
CA GLY B 249 -18.39 6.96 30.51
C GLY B 249 -17.94 5.94 29.48
N ALA B 250 -18.80 5.46 28.60
CA ALA B 250 -18.45 4.43 27.60
C ALA B 250 -17.53 5.04 26.54
N LEU B 251 -17.77 6.27 26.14
CA LEU B 251 -16.99 6.91 25.04
C LEU B 251 -15.84 7.66 25.64
N ARG B 252 -14.63 7.39 25.16
CA ARG B 252 -13.44 8.10 25.60
C ARG B 252 -12.80 8.81 24.40
N LEU B 253 -13.02 10.12 24.31
CA LEU B 253 -12.49 10.94 23.20
C LEU B 253 -11.05 11.29 23.50
N SER B 254 -10.32 11.72 22.47
CA SER B 254 -8.94 12.18 22.57
C SER B 254 -8.11 11.09 23.23
N THR B 255 -8.40 9.84 22.89
CA THR B 255 -7.71 8.66 23.44
C THR B 255 -7.32 7.72 22.30
N PRO B 256 -6.23 8.02 21.57
CA PRO B 256 -5.74 7.13 20.54
C PRO B 256 -5.26 5.80 21.10
N VAL B 257 -5.59 4.71 20.41
CA VAL B 257 -5.04 3.37 20.74
C VAL B 257 -3.68 3.20 20.06
N ARG B 258 -2.68 2.86 20.86
CA ARG B 258 -1.30 2.67 20.37
C ARG B 258 -0.93 1.18 20.25
N GLY B 259 -1.52 0.34 21.11
CA GLY B 259 -1.15 -1.07 21.18
C GLY B 259 -2.33 -1.94 21.51
N LEU B 260 -2.30 -3.18 21.03
CA LEU B 260 -3.34 -4.19 21.27
C LEU B 260 -2.60 -5.51 21.49
N ALA B 261 -2.58 -5.99 22.72
CA ALA B 261 -1.87 -7.22 23.11
C ALA B 261 -2.97 -8.22 23.42
N GLN B 262 -2.81 -9.47 23.04
CA GLN B 262 -3.87 -10.43 23.39
C GLN B 262 -3.21 -11.73 23.85
N ASP B 263 -3.99 -12.49 24.60
CA ASP B 263 -3.57 -13.83 25.07
C ASP B 263 -4.81 -14.73 25.00
N GLY B 264 -4.78 -15.84 25.71
CA GLY B 264 -5.86 -16.83 25.58
C GLY B 264 -7.14 -16.31 26.20
N ASP B 265 -7.08 -15.32 27.08
CA ASP B 265 -8.25 -14.94 27.92
C ASP B 265 -8.76 -13.54 27.56
N GLY B 266 -7.96 -12.67 26.91
CA GLY B 266 -8.45 -11.32 26.63
C GLY B 266 -7.47 -10.51 25.82
N VAL B 267 -7.74 -9.22 25.82
CA VAL B 267 -6.96 -8.21 25.07
C VAL B 267 -6.64 -7.09 26.05
N THR B 268 -5.44 -6.57 25.94
CA THR B 268 -5.00 -5.40 26.69
C THR B 268 -4.76 -4.28 25.68
N VAL B 269 -5.48 -3.20 25.86
CA VAL B 269 -5.45 -2.04 24.91
C VAL B 269 -4.54 -1.00 25.54
N ARG B 270 -3.52 -0.57 24.84
CA ARG B 270 -2.59 0.41 25.40
C ARG B 270 -2.85 1.78 24.76
N THR B 271 -2.96 2.81 25.59
CA THR B 271 -3.07 4.24 25.20
C THR B 271 -1.87 4.99 25.80
N ALA B 272 -1.72 6.29 25.57
CA ALA B 272 -0.55 7.06 26.04
C ALA B 272 -0.37 6.95 27.56
N GLY B 273 -1.47 7.00 28.29
CA GLY B 273 -1.45 7.14 29.75
C GLY B 273 -1.83 5.88 30.46
N GLY B 274 -2.30 4.85 29.77
CA GLY B 274 -2.79 3.69 30.52
C GLY B 274 -3.11 2.50 29.67
N GLU B 275 -3.88 1.60 30.24
CA GLU B 275 -4.27 0.35 29.59
C GLU B 275 -5.73 0.11 29.92
N VAL B 276 -6.44 -0.59 29.04
CA VAL B 276 -7.80 -1.13 29.30
C VAL B 276 -7.74 -2.63 29.03
N ARG B 277 -8.37 -3.45 29.87
CA ARG B 277 -8.43 -4.90 29.64
C ARG B 277 -9.83 -5.21 29.15
N ALA B 278 -9.93 -6.02 28.09
CA ALA B 278 -11.21 -6.47 27.53
C ALA B 278 -11.12 -7.93 27.19
N ARG B 279 -12.26 -8.56 27.03
CA ARG B 279 -12.34 -9.95 26.55
C ARG B 279 -12.14 -9.98 25.02
N ARG B 280 -12.71 -9.05 24.28
CA ARG B 280 -12.54 -8.98 22.81
C ARG B 280 -12.47 -7.52 22.41
N ALA B 281 -11.82 -7.27 21.28
CA ALA B 281 -11.73 -5.90 20.69
C ALA B 281 -12.37 -5.91 19.31
N ILE B 282 -12.97 -4.78 18.95
CA ILE B 282 -13.37 -4.48 17.57
C ILE B 282 -12.52 -3.29 17.13
N VAL B 283 -11.71 -3.47 16.11
CA VAL B 283 -10.91 -2.33 15.56
C VAL B 283 -11.68 -1.80 14.35
N ALA B 284 -12.13 -0.53 14.42
CA ALA B 284 -13.08 0.00 13.42
C ALA B 284 -12.47 1.23 12.76
N VAL B 285 -11.19 1.17 12.46
CA VAL B 285 -10.41 2.32 11.88
C VAL B 285 -10.08 2.03 10.43
N PRO B 286 -9.64 3.05 9.62
CA PRO B 286 -9.24 2.80 8.25
C PRO B 286 -8.13 1.78 8.22
N PRO B 287 -8.05 0.96 7.17
CA PRO B 287 -7.07 -0.12 7.10
C PRO B 287 -5.62 0.34 7.31
N THR B 288 -5.26 1.48 6.72
CA THR B 288 -3.86 1.98 6.87
C THR B 288 -3.56 2.23 8.37
N LEU B 289 -4.54 2.76 9.13
CA LEU B 289 -4.30 3.09 10.54
C LEU B 289 -4.36 1.82 11.39
N ALA B 290 -5.12 0.83 10.99
CA ALA B 290 -5.20 -0.45 11.75
C ALA B 290 -3.83 -1.13 11.75
N GLY B 291 -3.14 -1.01 10.62
CA GLY B 291 -1.82 -1.67 10.48
C GLY B 291 -0.76 -0.97 11.33
N ARG B 292 -1.01 0.23 11.80
CA ARG B 292 -0.03 1.05 12.56
C ARG B 292 -0.12 0.77 14.04
N ILE B 293 -1.20 0.16 14.50
CA ILE B 293 -1.32 -0.23 15.93
C ILE B 293 -0.26 -1.29 16.22
N ASP B 294 0.36 -1.22 17.39
CA ASP B 294 1.33 -2.22 17.86
C ASP B 294 0.55 -3.47 18.30
N HIS B 295 0.53 -4.50 17.48
CA HIS B 295 -0.15 -5.78 17.78
C HIS B 295 0.81 -6.78 18.41
N ASP B 296 0.39 -7.42 19.51
CA ASP B 296 1.15 -8.50 20.13
C ASP B 296 0.16 -9.63 20.41
N PRO B 297 0.33 -10.84 19.83
CA PRO B 297 1.41 -11.14 18.89
C PRO B 297 1.26 -10.30 17.62
N PRO B 298 2.30 -10.20 16.78
CA PRO B 298 2.15 -9.51 15.51
C PRO B 298 1.01 -10.13 14.70
N LEU B 299 0.38 -9.31 13.86
CA LEU B 299 -0.66 -9.77 12.94
C LEU B 299 -0.04 -10.82 12.02
N PRO B 300 -0.83 -11.80 11.57
CA PRO B 300 -0.36 -12.76 10.60
C PRO B 300 0.03 -12.06 9.31
N PRO B 301 0.97 -12.63 8.56
CA PRO B 301 1.55 -11.92 7.42
C PRO B 301 0.59 -11.59 6.28
N GLN B 302 -0.38 -12.47 5.98
CA GLN B 302 -1.35 -12.14 4.93
C GLN B 302 -2.10 -10.85 5.31
N ARG B 303 -2.52 -10.75 6.57
CA ARG B 303 -3.27 -9.55 6.97
C ARG B 303 -2.36 -8.32 6.94
N ASP B 304 -1.15 -8.42 7.48
CA ASP B 304 -0.30 -7.21 7.48
C ASP B 304 -0.08 -6.76 6.04
N GLN B 305 0.21 -7.69 5.13
CA GLN B 305 0.50 -7.33 3.74
C GLN B 305 -0.78 -6.88 3.02
N LEU B 306 -1.95 -7.40 3.43
CA LEU B 306 -3.20 -6.82 2.88
C LEU B 306 -3.28 -5.32 3.21
N LEU B 307 -3.00 -4.98 4.46
CA LEU B 307 -3.14 -3.54 4.83
C LEU B 307 -2.15 -2.71 4.02
N GLN B 308 -0.98 -3.26 3.72
CA GLN B 308 0.00 -2.54 2.89
C GLN B 308 -0.51 -2.33 1.46
N HIS B 309 -1.48 -3.15 1.02
CA HIS B 309 -2.09 -3.12 -0.31
C HIS B 309 -3.50 -2.54 -0.23
N MET B 310 -3.83 -1.76 0.78
CA MET B 310 -5.15 -1.07 0.88
C MET B 310 -4.93 0.42 1.11
N PRO B 311 -4.24 1.11 0.17
CA PRO B 311 -4.01 2.56 0.28
C PRO B 311 -5.34 3.30 0.22
N GLN B 312 -5.48 4.32 1.07
CA GLN B 312 -6.67 5.20 1.01
C GLN B 312 -6.57 6.13 -0.22
N GLY B 313 -7.74 6.63 -0.63
CA GLY B 313 -7.87 7.57 -1.73
C GLY B 313 -7.29 8.93 -1.38
N SER B 314 -7.33 9.79 -2.36
CA SER B 314 -6.82 11.18 -2.27
C SER B 314 -7.94 12.14 -2.70
N VAL B 315 -8.45 12.87 -1.73
CA VAL B 315 -9.51 13.90 -2.01
C VAL B 315 -9.34 15.11 -1.11
N VAL B 316 -9.56 16.26 -1.72
CA VAL B 316 -9.73 17.53 -1.00
C VAL B 316 -11.15 17.95 -1.31
N LYS B 317 -11.99 18.03 -0.27
CA LYS B 317 -13.39 18.44 -0.47
C LYS B 317 -13.52 19.91 -0.10
N PHE B 318 -14.26 20.67 -0.91
CA PHE B 318 -14.43 22.10 -0.65
C PHE B 318 -15.87 22.55 -0.76
N HIS B 319 -16.11 23.69 -0.12
CA HIS B 319 -17.42 24.40 -0.22
C HIS B 319 -17.04 25.87 -0.44
N VAL B 320 -17.50 26.41 -1.57
CA VAL B 320 -17.34 27.87 -1.88
C VAL B 320 -18.64 28.53 -1.44
N ILE B 321 -18.52 29.55 -0.60
CA ILE B 321 -19.71 30.21 0.03
C ILE B 321 -19.95 31.50 -0.74
N TYR B 322 -21.19 31.71 -1.16
CA TYR B 322 -21.66 32.98 -1.79
C TYR B 322 -22.82 33.49 -0.97
N ASP B 323 -23.16 34.78 -1.08
CA ASP B 323 -24.33 35.27 -0.31
C ASP B 323 -25.62 34.58 -0.79
N GLU B 324 -25.71 34.28 -2.07
CA GLU B 324 -26.90 33.68 -2.68
C GLU B 324 -26.46 32.66 -3.74
N PRO B 325 -27.30 31.64 -4.01
CA PRO B 325 -27.05 30.71 -5.11
C PRO B 325 -27.42 31.38 -6.45
N TRP B 326 -26.56 32.31 -6.83
CA TRP B 326 -26.81 33.25 -7.96
C TRP B 326 -26.95 32.47 -9.26
N TRP B 327 -26.29 31.32 -9.37
CA TRP B 327 -26.31 30.53 -10.61
C TRP B 327 -27.75 30.09 -10.95
N ARG B 328 -28.62 29.92 -9.94
CA ARG B 328 -30.03 29.47 -10.09
C ARG B 328 -30.80 30.48 -10.95
N ALA B 329 -30.51 31.76 -10.77
CA ALA B 329 -31.18 32.85 -11.51
C ALA B 329 -30.76 32.84 -12.99
N GLU B 330 -29.64 32.20 -13.33
CA GLU B 330 -29.14 32.07 -14.74
C GLU B 330 -29.62 30.76 -15.37
N GLY B 331 -30.45 29.99 -14.65
CA GLY B 331 -30.93 28.67 -15.10
C GLY B 331 -29.83 27.61 -15.03
N LEU B 332 -28.83 27.81 -14.15
CA LEU B 332 -27.75 26.80 -13.98
C LEU B 332 -27.97 25.99 -12.70
N SER B 333 -27.55 24.73 -12.72
CA SER B 333 -27.72 23.80 -11.58
C SER B 333 -26.64 24.03 -10.52
N GLY B 334 -25.50 24.59 -10.93
CA GLY B 334 -24.31 24.65 -10.06
C GLY B 334 -23.39 23.50 -10.30
N THR B 335 -23.78 22.51 -11.11
CA THR B 335 -22.90 21.37 -11.42
C THR B 335 -22.09 21.75 -12.66
N VAL B 336 -20.78 21.57 -12.56
CA VAL B 336 -19.85 21.64 -13.71
C VAL B 336 -19.13 20.29 -13.78
N LEU B 337 -18.81 19.85 -14.99
CA LEU B 337 -18.05 18.60 -15.23
C LEU B 337 -16.90 18.91 -16.17
N CYS B 338 -15.67 18.68 -15.70
CA CYS B 338 -14.44 19.09 -16.40
C CYS B 338 -13.42 17.96 -16.37
N PRO B 339 -13.37 17.15 -17.44
CA PRO B 339 -12.39 16.08 -17.52
C PRO B 339 -10.93 16.53 -17.54
N ASP B 340 -10.65 17.74 -17.97
CA ASP B 340 -9.25 18.19 -18.06
C ASP B 340 -8.98 19.36 -17.10
N GLU B 341 -9.65 19.45 -15.96
CA GLU B 341 -9.40 20.49 -14.94
C GLU B 341 -9.09 19.81 -13.62
N PRO B 342 -8.47 20.54 -12.67
CA PRO B 342 -8.14 19.96 -11.35
C PRO B 342 -9.39 19.58 -10.56
N ILE B 343 -10.51 20.24 -10.83
CA ILE B 343 -11.83 19.95 -10.22
C ILE B 343 -12.63 19.29 -11.31
N GLY B 344 -13.00 18.06 -11.07
CA GLY B 344 -13.79 17.30 -12.07
C GLY B 344 -15.28 17.55 -11.94
N VAL B 345 -15.82 17.65 -10.71
CA VAL B 345 -17.29 17.76 -10.54
C VAL B 345 -17.62 18.69 -9.38
N THR B 346 -18.73 19.44 -9.54
CA THR B 346 -19.31 20.26 -8.47
C THR B 346 -20.83 20.02 -8.34
N PHE B 347 -21.34 20.48 -7.21
CA PHE B 347 -22.77 20.38 -6.86
C PHE B 347 -23.21 21.66 -6.20
N ASP B 348 -24.48 21.99 -6.41
CA ASP B 348 -25.14 23.02 -5.59
C ASP B 348 -25.28 22.51 -4.16
N GLY B 349 -24.59 23.09 -3.20
CA GLY B 349 -24.60 22.67 -1.78
C GLY B 349 -25.43 23.56 -0.90
N THR B 350 -26.28 24.41 -1.51
CA THR B 350 -27.08 25.40 -0.75
C THR B 350 -28.07 24.67 0.16
N PRO B 351 -28.24 25.09 1.43
CA PRO B 351 -29.25 24.44 2.29
C PRO B 351 -30.68 24.83 1.91
N PRO B 352 -31.68 24.11 2.44
CA PRO B 352 -33.08 24.40 2.08
C PRO B 352 -33.49 25.87 2.26
N ALA B 353 -32.98 26.57 3.26
CA ALA B 353 -33.32 28.00 3.47
C ALA B 353 -33.00 28.83 2.24
N GLY B 354 -32.06 28.41 1.38
CA GLY B 354 -31.80 29.07 0.09
C GLY B 354 -30.63 30.03 0.17
N THR B 355 -30.05 30.24 1.34
CA THR B 355 -28.85 31.06 1.55
C THR B 355 -28.11 30.40 2.70
N PRO B 356 -26.77 30.52 2.78
CA PRO B 356 -25.93 31.13 1.75
C PRO B 356 -25.89 30.20 0.51
N GLY B 357 -25.50 30.71 -0.65
CA GLY B 357 -25.26 29.84 -1.81
C GLY B 357 -23.96 29.07 -1.58
N ILE B 358 -23.99 27.79 -1.91
CA ILE B 358 -22.76 26.98 -1.77
C ILE B 358 -22.52 26.18 -3.03
N VAL B 359 -21.27 26.19 -3.48
CA VAL B 359 -20.83 25.26 -4.53
C VAL B 359 -19.85 24.29 -3.86
N THR B 360 -20.21 23.02 -3.87
CA THR B 360 -19.42 21.94 -3.28
C THR B 360 -18.69 21.20 -4.40
N GLY B 361 -17.45 20.82 -4.14
CA GLY B 361 -16.73 20.02 -5.13
C GLY B 361 -15.48 19.41 -4.54
N PHE B 362 -14.75 18.78 -5.42
CA PHE B 362 -13.64 17.90 -5.02
C PHE B 362 -12.48 18.07 -5.98
N PHE B 363 -11.28 18.06 -5.37
CA PHE B 363 -10.01 17.65 -6.06
C PHE B 363 -9.83 16.16 -5.78
N GLU B 364 -9.64 15.35 -6.83
CA GLU B 364 -9.54 13.89 -6.69
C GLU B 364 -8.19 13.39 -7.19
N GLY B 365 -7.71 12.31 -6.56
CA GLY B 365 -6.56 11.61 -7.11
C GLY B 365 -5.38 12.53 -7.25
N PRO B 366 -4.65 12.48 -8.39
CA PRO B 366 -3.47 13.33 -8.57
C PRO B 366 -3.75 14.78 -8.28
N ALA B 367 -4.92 15.29 -8.66
CA ALA B 367 -5.20 16.71 -8.43
C ALA B 367 -5.29 17.01 -6.92
N ALA B 368 -5.79 16.07 -6.11
CA ALA B 368 -5.86 16.20 -4.64
C ALA B 368 -4.44 16.26 -4.04
N VAL B 369 -3.54 15.42 -4.53
CA VAL B 369 -2.17 15.37 -3.97
C VAL B 369 -1.47 16.69 -4.32
N ALA B 370 -1.65 17.15 -5.56
CA ALA B 370 -1.06 18.45 -5.97
C ALA B 370 -1.63 19.57 -5.11
N ALA B 371 -2.96 19.58 -4.95
CA ALA B 371 -3.65 20.67 -4.23
C ALA B 371 -3.27 20.64 -2.74
N GLY B 372 -3.15 19.44 -2.17
CA GLY B 372 -2.87 19.28 -0.74
C GLY B 372 -1.50 19.82 -0.37
N ALA B 373 -0.62 20.01 -1.35
CA ALA B 373 0.74 20.56 -1.12
C ALA B 373 0.72 22.09 -1.15
N ARG B 374 -0.42 22.69 -1.44
CA ARG B 374 -0.59 24.16 -1.56
C ARG B 374 -1.44 24.66 -0.40
N THR B 375 -1.56 25.97 -0.26
CA THR B 375 -2.37 26.57 0.82
C THR B 375 -3.85 26.51 0.48
N ARG B 376 -4.69 26.69 1.52
CA ARG B 376 -6.15 26.84 1.36
C ARG B 376 -6.42 27.98 0.34
N GLU B 377 -5.76 29.12 0.46
CA GLU B 377 -6.00 30.27 -0.45
C GLU B 377 -5.60 29.92 -1.87
N GLU B 378 -4.55 29.16 -2.06
CA GLU B 378 -4.14 28.73 -3.42
C GLU B 378 -5.20 27.78 -3.99
N ARG B 379 -5.70 26.85 -3.18
CA ARG B 379 -6.78 25.95 -3.65
C ARG B 379 -8.03 26.75 -4.01
N ARG B 380 -8.42 27.72 -3.16
CA ARG B 380 -9.57 28.60 -3.45
C ARG B 380 -9.40 29.21 -4.85
N ASP B 381 -8.21 29.71 -5.14
CA ASP B 381 -8.00 30.45 -6.41
C ASP B 381 -8.05 29.49 -7.60
N VAL B 382 -7.64 28.23 -7.44
CA VAL B 382 -7.85 27.23 -8.50
C VAL B 382 -9.35 27.00 -8.71
N VAL B 383 -10.08 26.81 -7.63
CA VAL B 383 -11.53 26.55 -7.73
C VAL B 383 -12.22 27.72 -8.44
N VAL B 384 -11.93 28.94 -8.01
CA VAL B 384 -12.65 30.12 -8.55
C VAL B 384 -12.30 30.27 -10.03
N ASP B 385 -11.08 29.94 -10.45
CA ASP B 385 -10.67 29.96 -11.85
C ASP B 385 -11.56 29.03 -12.67
N VAL B 386 -11.74 27.80 -12.21
CA VAL B 386 -12.59 26.83 -12.95
C VAL B 386 -14.02 27.35 -12.96
N LEU B 387 -14.53 27.82 -11.81
CA LEU B 387 -15.94 28.26 -11.76
C LEU B 387 -16.15 29.51 -12.61
N ALA B 388 -15.21 30.44 -12.63
CA ALA B 388 -15.38 31.65 -13.49
C ALA B 388 -15.56 31.24 -14.94
N ARG B 389 -14.90 30.21 -15.43
CA ARG B 389 -14.90 29.77 -16.84
C ARG B 389 -16.13 28.93 -17.15
N THR B 390 -16.84 28.44 -16.14
CA THR B 390 -17.96 27.49 -16.33
C THR B 390 -19.26 28.11 -15.84
N LEU B 391 -19.39 28.52 -14.58
CA LEU B 391 -20.63 29.17 -14.08
C LEU B 391 -20.67 30.65 -14.45
N GLY B 392 -19.52 31.30 -14.57
CA GLY B 392 -19.43 32.71 -15.04
C GLY B 392 -18.78 33.65 -14.04
N GLU B 393 -18.76 34.92 -14.41
CA GLU B 393 -18.04 36.00 -13.71
C GLU B 393 -18.41 36.09 -12.24
N ARG B 394 -19.68 35.89 -11.90
CA ARG B 394 -20.12 36.07 -10.49
C ARG B 394 -19.39 35.06 -9.59
N ALA B 395 -18.73 34.06 -10.16
CA ALA B 395 -18.03 33.06 -9.33
C ALA B 395 -16.86 33.69 -8.55
N ARG B 396 -16.38 34.87 -8.94
CA ARG B 396 -15.29 35.57 -8.22
C ARG B 396 -15.76 36.23 -6.94
N ASP B 397 -17.07 36.48 -6.81
CA ASP B 397 -17.67 37.21 -5.65
C ASP B 397 -17.83 36.27 -4.44
N VAL B 398 -16.73 35.71 -3.97
CA VAL B 398 -16.73 34.69 -2.88
C VAL B 398 -16.91 35.34 -1.52
N ARG B 399 -17.83 34.85 -0.71
CA ARG B 399 -17.95 35.24 0.71
C ARG B 399 -16.87 34.49 1.49
N ASP B 400 -16.70 33.18 1.22
CA ASP B 400 -15.75 32.38 2.02
C ASP B 400 -15.47 31.09 1.24
N TYR B 401 -14.46 30.38 1.72
CA TYR B 401 -14.00 29.13 1.09
C TYR B 401 -13.54 28.22 2.24
N ILE B 402 -14.14 27.03 2.29
CA ILE B 402 -13.87 26.06 3.39
C ILE B 402 -13.53 24.73 2.74
N ASP B 403 -12.41 24.14 3.12
CA ASP B 403 -12.02 22.85 2.52
C ASP B 403 -11.30 21.97 3.54
N ARG B 404 -11.12 20.72 3.17
CA ARG B 404 -10.38 19.77 4.02
C ARG B 404 -9.71 18.76 3.10
N ASP B 405 -8.39 18.62 3.29
CA ASP B 405 -7.54 17.58 2.68
C ASP B 405 -7.57 16.39 3.63
N TRP B 406 -8.36 15.37 3.27
CA TRP B 406 -8.51 14.19 4.12
C TRP B 406 -7.26 13.35 4.20
N SER B 407 -6.32 13.56 3.30
CA SER B 407 -5.03 12.82 3.32
C SER B 407 -4.17 13.37 4.44
N ALA B 408 -4.36 14.63 4.82
CA ALA B 408 -3.60 15.33 5.87
C ALA B 408 -4.20 15.07 7.26
N GLU B 409 -5.34 14.42 7.33
CA GLU B 409 -5.99 14.11 8.64
C GLU B 409 -5.26 12.90 9.22
N PRO B 410 -4.50 13.03 10.31
CA PRO B 410 -3.71 11.88 10.78
C PRO B 410 -4.57 10.68 11.19
N TRP B 411 -5.83 10.91 11.52
CA TRP B 411 -6.71 9.79 11.97
C TRP B 411 -7.62 9.32 10.84
N THR B 412 -7.36 9.74 9.60
CA THR B 412 -8.01 9.17 8.39
C THR B 412 -6.93 8.74 7.36
N ARG B 413 -6.13 9.67 6.95
CA ARG B 413 -5.02 9.45 5.97
C ARG B 413 -5.58 9.07 4.61
N GLY B 414 -6.74 9.64 4.28
CA GLY B 414 -7.29 9.60 2.93
C GLY B 414 -8.77 9.23 2.91
N CYS B 415 -9.53 10.01 2.14
CA CYS B 415 -10.92 9.68 1.79
C CYS B 415 -10.97 9.27 0.33
N TYR B 416 -12.10 8.67 -0.10
CA TYR B 416 -13.21 8.26 0.76
C TYR B 416 -12.85 7.00 1.56
N GLY B 417 -12.06 6.12 0.98
CA GLY B 417 -11.71 4.86 1.64
C GLY B 417 -10.59 4.19 0.89
N ALA B 418 -10.32 2.98 1.25
CA ALA B 418 -9.24 2.23 0.60
C ALA B 418 -9.64 1.75 -0.80
N HIS B 419 -8.65 1.60 -1.65
CA HIS B 419 -8.82 0.79 -2.87
C HIS B 419 -7.71 -0.22 -2.93
N LEU B 420 -7.84 -1.15 -3.87
CA LEU B 420 -6.85 -2.26 -3.97
C LEU B 420 -6.27 -2.19 -5.37
N PRO B 421 -4.94 -2.13 -5.48
CA PRO B 421 -4.28 -2.20 -6.78
C PRO B 421 -4.28 -3.60 -7.38
N PRO B 422 -3.88 -3.75 -8.66
CA PRO B 422 -3.83 -5.09 -9.25
C PRO B 422 -3.07 -6.08 -8.38
N GLY B 423 -3.62 -7.29 -8.30
CA GLY B 423 -3.01 -8.43 -7.61
C GLY B 423 -3.32 -8.50 -6.13
N ALA B 424 -3.99 -7.54 -5.54
CA ALA B 424 -4.19 -7.54 -4.09
C ALA B 424 -5.38 -8.40 -3.64
N TRP B 425 -6.54 -8.26 -4.30
CA TRP B 425 -7.75 -8.94 -3.81
C TRP B 425 -7.58 -10.43 -3.81
N THR B 426 -6.93 -11.03 -4.82
CA THR B 426 -6.86 -12.49 -4.90
C THR B 426 -5.80 -13.03 -3.96
N VAL B 427 -4.75 -12.27 -3.67
CA VAL B 427 -3.63 -12.84 -2.90
C VAL B 427 -3.73 -12.51 -1.42
N TYR B 428 -4.05 -11.23 -1.12
CA TYR B 428 -4.11 -10.73 0.26
C TYR B 428 -5.55 -10.58 0.78
N GLY B 429 -6.46 -10.28 -0.15
CA GLY B 429 -7.88 -9.99 0.14
C GLY B 429 -8.54 -10.94 1.12
N PRO B 430 -8.31 -12.27 1.06
CA PRO B 430 -9.05 -13.18 1.96
C PRO B 430 -8.91 -12.90 3.46
N ALA B 431 -7.88 -12.15 3.86
CA ALA B 431 -7.62 -11.76 5.25
C ALA B 431 -8.47 -10.54 5.68
N LEU B 432 -9.28 -9.95 4.80
CA LEU B 432 -9.99 -8.68 5.08
C LEU B 432 -10.79 -8.67 6.40
N ARG B 433 -11.65 -9.65 6.59
CA ARG B 433 -12.61 -9.65 7.72
C ARG B 433 -12.31 -10.68 8.79
N VAL B 434 -11.37 -11.58 8.55
CA VAL B 434 -11.14 -12.74 9.44
C VAL B 434 -10.60 -12.20 10.76
N PRO B 435 -11.23 -12.53 11.89
CA PRO B 435 -10.69 -12.11 13.17
C PRO B 435 -9.32 -12.72 13.44
N VAL B 436 -8.50 -11.98 14.15
CA VAL B 436 -7.19 -12.50 14.61
C VAL B 436 -7.33 -12.73 16.10
N GLY B 437 -7.55 -14.00 16.49
CA GLY B 437 -7.84 -14.30 17.90
C GLY B 437 -9.05 -13.55 18.39
N ARG B 438 -8.81 -12.69 19.35
CA ARG B 438 -9.87 -11.93 20.05
C ARG B 438 -9.99 -10.53 19.47
N VAL B 439 -9.31 -10.26 18.35
CA VAL B 439 -9.38 -8.94 17.67
C VAL B 439 -10.19 -9.07 16.39
N HIS B 440 -11.31 -8.37 16.35
CA HIS B 440 -12.27 -8.39 15.26
C HIS B 440 -12.24 -7.04 14.51
N TRP B 441 -12.70 -7.03 13.28
CA TRP B 441 -12.50 -5.89 12.34
C TRP B 441 -13.83 -5.33 11.86
N ALA B 442 -13.92 -4.01 11.89
CA ALA B 442 -15.07 -3.31 11.32
C ALA B 442 -14.56 -2.12 10.53
N GLY B 443 -15.47 -1.37 9.95
CA GLY B 443 -15.11 -0.31 9.03
C GLY B 443 -15.77 -0.50 7.66
N THR B 444 -16.08 0.60 6.94
CA THR B 444 -16.79 0.53 5.66
C THR B 444 -16.07 -0.41 4.67
N GLU B 445 -14.73 -0.47 4.74
CA GLU B 445 -13.92 -1.34 3.86
C GLU B 445 -14.20 -2.81 4.09
N THR B 446 -14.89 -3.19 5.17
CA THR B 446 -15.22 -4.63 5.40
C THR B 446 -16.69 -4.90 5.05
N ALA B 447 -17.45 -3.91 4.65
CA ALA B 447 -18.86 -4.13 4.30
C ALA B 447 -18.98 -4.89 3.00
N GLU B 448 -20.07 -5.66 2.85
CA GLU B 448 -20.45 -6.32 1.59
C GLU B 448 -21.26 -5.38 0.71
N ARG B 449 -22.16 -4.60 1.29
CA ARG B 449 -23.09 -3.72 0.56
C ARG B 449 -22.76 -2.26 0.88
N TRP B 450 -22.67 -1.46 -0.17
CA TRP B 450 -22.27 -0.04 -0.05
C TRP B 450 -20.97 0.10 0.71
N THR B 451 -20.00 -0.76 0.38
CA THR B 451 -18.63 -0.55 0.85
C THR B 451 -18.14 0.83 0.34
N GLY B 452 -17.45 1.55 1.23
CA GLY B 452 -16.96 2.90 0.93
C GLY B 452 -17.87 3.98 1.40
N TYR B 453 -19.06 3.65 1.84
CA TYR B 453 -20.09 4.64 2.22
C TYR B 453 -20.42 4.49 3.70
N ILE B 454 -21.16 5.48 4.20
CA ILE B 454 -21.68 5.46 5.59
C ILE B 454 -22.54 4.20 5.78
N ASP B 455 -23.39 3.89 4.80
CA ASP B 455 -24.28 2.71 4.87
C ASP B 455 -23.43 1.46 5.10
N GLY B 456 -22.29 1.34 4.40
CA GLY B 456 -21.40 0.19 4.59
C GLY B 456 -20.73 0.22 5.96
N ALA B 457 -20.35 1.41 6.43
CA ALA B 457 -19.80 1.49 7.81
C ALA B 457 -20.78 0.87 8.82
N ILE B 458 -22.05 1.23 8.70
CA ILE B 458 -23.09 0.75 9.67
C ILE B 458 -23.19 -0.77 9.50
N GLU B 459 -23.25 -1.26 8.27
CA GLU B 459 -23.31 -2.73 8.05
C GLU B 459 -22.18 -3.42 8.81
N SER B 460 -20.98 -2.92 8.60
CA SER B 460 -19.76 -3.54 9.17
C SER B 460 -19.83 -3.58 10.71
N GLY B 461 -20.33 -2.50 11.32
CA GLY B 461 -20.44 -2.39 12.78
C GLY B 461 -21.45 -3.43 13.28
N GLN B 462 -22.55 -3.60 12.55
CA GLN B 462 -23.58 -4.59 12.97
C GLN B 462 -22.94 -5.98 12.89
N ARG B 463 -22.22 -6.22 11.81
CA ARG B 463 -21.63 -7.57 11.59
C ARG B 463 -20.61 -7.82 12.69
N ALA B 464 -19.73 -6.87 12.97
CA ALA B 464 -18.67 -7.12 13.95
C ALA B 464 -19.25 -7.28 15.35
N ALA B 465 -20.27 -6.51 15.73
CA ALA B 465 -20.92 -6.72 17.04
C ALA B 465 -21.53 -8.12 17.10
N ALA B 466 -22.23 -8.55 16.07
CA ALA B 466 -22.86 -9.90 16.10
C ALA B 466 -21.74 -10.95 16.23
N GLU B 467 -20.62 -10.71 15.55
CA GLU B 467 -19.48 -11.67 15.64
C GLU B 467 -18.97 -11.75 17.07
N VAL B 468 -18.73 -10.63 17.70
CA VAL B 468 -18.16 -10.58 19.05
C VAL B 468 -19.17 -11.20 20.02
N LEU B 469 -20.43 -10.85 19.88
CA LEU B 469 -21.44 -11.38 20.84
C LEU B 469 -21.50 -12.91 20.68
N ALA B 470 -21.42 -13.42 19.45
CA ALA B 470 -21.49 -14.89 19.23
C ALA B 470 -20.26 -15.55 19.86
N ALA B 471 -19.10 -14.91 19.75
CA ALA B 471 -17.83 -15.51 20.23
C ALA B 471 -17.69 -15.41 21.76
N LEU B 472 -18.33 -14.45 22.40
CA LEU B 472 -18.33 -14.36 23.88
C LEU B 472 -19.28 -15.46 24.42
N GLY B 473 -20.21 -15.95 23.60
CA GLY B 473 -21.37 -16.76 23.99
C GLY B 473 -22.67 -16.06 23.59
#